data_1IVC
#
_entry.id   1IVC
#
_cell.length_a   120.350
_cell.length_b   139.720
_cell.length_c   140.230
_cell.angle_alpha   90.00
_cell.angle_beta   90.00
_cell.angle_gamma   90.00
#
_symmetry.space_group_name_H-M   'C 2 2 21'
#
loop_
_entity.id
_entity.type
_entity.pdbx_description
1 polymer 'INFLUENZA A SUBTYPE N2 NEURAMINIDASE'
2 branched 2-acetamido-2-deoxy-beta-D-glucopyranose-(1-4)-2-acetamido-2-deoxy-beta-D-glucopyranose
3 branched beta-D-mannopyranose-(1-4)-2-acetamido-2-deoxy-beta-D-glucopyranose-(1-4)-[beta-L-fucopyranose-(1-6)]2-acetamido-2-deoxy-beta-D-glucopyranose
4 branched alpha-D-mannopyranose-(1-2)-alpha-D-mannopyranose-(1-3)-beta-D-mannopyranose-(1-4)-2-acetamido-2-deoxy-beta-D-glucopyranose-(1-4)-[alpha-D-mannopyranose-(1-6)]2-acetamido-2-deoxy-beta-D-glucopyranose
5 branched beta-D-mannopyranose-(1-4)-2-acetamido-2-deoxy-beta-D-glucopyranose-(1-4)-[alpha-L-fucopyranose-(1-6)]2-acetamido-2-deoxy-beta-D-glucopyranose
6 non-polymer 'CALCIUM ION'
7 non-polymer '4-(ACETYLAMINO)-5-AMINO-3-HYDROXYBENZOIC ACID'
#
_entity_poly.entity_id   1
_entity_poly.type   'polypeptide(L)'
_entity_poly.pdbx_seq_one_letter_code
;VEYRNWSKPQCQITGFAPFSKDNSIRLSAGGDIWVTREPYVSCDPVKCYQFALGQGTTLDNKHSNDTVHDRIPHRTLLMN
ELGVPFHLGTRQVCIAWSSSSCHDGKAWLHVCITGDDKNATASFIYDGRLVDSIGSWSQNILRTQESECVCINGTCTVVM
TDGSASGRADTRILFIEEGKIVHISPLAGSAQHVEECSCYPRYPGVRCICRDNWKGSNRPVVDINMEDYSIDSSYVCSGL
VGDTPRNDDRSSNSNCRDPNNERGTQGVKGWAFDNGNDLWMGRTISKDLRSGYETFKVIGGWSTPNSKSQINRQVIVDSD
NRSGYSGIFSVEGKSCINRCFYVELIRGRKQETRVWWTSNSIVVFCGTSGTYGTGSWPDGANINFMPI
;
_entity_poly.pdbx_strand_id   A,B
#
# COMPACT_ATOMS: atom_id res chain seq x y z
N VAL A 1 23.36 -6.44 -12.91
CA VAL A 1 21.92 -6.82 -13.13
C VAL A 1 21.41 -6.10 -14.37
N GLU A 2 21.14 -6.89 -15.40
CA GLU A 2 20.65 -6.37 -16.66
C GLU A 2 19.15 -6.20 -16.51
N TYR A 3 18.53 -5.63 -17.55
CA TYR A 3 17.07 -5.47 -17.60
C TYR A 3 16.52 -6.63 -18.41
N ARG A 4 15.24 -6.91 -18.20
CA ARG A 4 14.54 -7.96 -18.91
C ARG A 4 14.13 -7.41 -20.26
N ASN A 5 14.74 -7.87 -21.34
CA ASN A 5 14.36 -7.43 -22.67
C ASN A 5 13.53 -8.53 -23.34
N TRP A 6 13.31 -9.63 -22.62
CA TRP A 6 12.54 -10.81 -23.06
C TRP A 6 12.78 -11.31 -24.49
N SER A 7 14.00 -11.19 -25.01
CA SER A 7 14.34 -11.63 -26.37
C SER A 7 14.54 -13.14 -26.56
N LYS A 8 13.47 -13.91 -26.66
CA LYS A 8 13.61 -15.36 -26.82
C LYS A 8 12.32 -15.93 -27.34
N PRO A 9 12.41 -16.99 -28.13
CA PRO A 9 11.26 -17.66 -28.70
C PRO A 9 10.24 -18.05 -27.64
N GLN A 10 8.97 -17.99 -28.00
CA GLN A 10 7.94 -18.44 -27.10
C GLN A 10 8.12 -19.94 -27.23
N CYS A 11 8.16 -20.66 -26.12
CA CYS A 11 8.33 -22.10 -26.18
C CYS A 11 7.14 -22.72 -26.92
N GLN A 12 7.42 -23.76 -27.68
CA GLN A 12 6.40 -24.50 -28.41
C GLN A 12 5.79 -25.46 -27.41
N ILE A 13 4.67 -25.06 -26.81
CA ILE A 13 4.01 -25.89 -25.79
C ILE A 13 3.12 -26.97 -26.39
N THR A 14 2.80 -27.97 -25.57
CA THR A 14 1.97 -29.11 -25.95
C THR A 14 0.75 -29.15 -25.06
N GLY A 15 0.71 -28.21 -24.12
CA GLY A 15 -0.40 -28.14 -23.19
C GLY A 15 0.12 -27.60 -21.87
N PHE A 16 -0.68 -27.74 -20.81
CA PHE A 16 -0.31 -27.23 -19.49
C PHE A 16 -0.24 -28.32 -18.44
N ALA A 17 0.75 -28.22 -17.56
CA ALA A 17 0.97 -29.18 -16.47
C ALA A 17 0.73 -28.43 -15.18
N PRO A 18 0.16 -29.08 -14.17
CA PRO A 18 -0.10 -28.38 -12.89
C PRO A 18 1.15 -27.74 -12.26
N PHE A 19 0.99 -26.52 -11.74
CA PHE A 19 2.13 -25.81 -11.16
C PHE A 19 2.08 -25.50 -9.65
N SER A 20 0.95 -24.97 -9.19
CA SER A 20 0.81 -24.60 -7.79
C SER A 20 -0.69 -24.51 -7.48
N LYS A 21 -1.02 -24.54 -6.19
CA LYS A 21 -2.41 -24.45 -5.69
C LYS A 21 -2.18 -23.99 -4.24
N ASP A 22 -3.05 -23.13 -3.68
CA ASP A 22 -2.79 -22.66 -2.30
C ASP A 22 -3.73 -23.14 -1.21
N ASN A 23 -4.90 -23.61 -1.62
CA ASN A 23 -5.89 -24.16 -0.71
C ASN A 23 -6.41 -23.20 0.36
N SER A 24 -6.53 -21.94 -0.04
CA SER A 24 -6.99 -20.93 0.87
C SER A 24 -8.33 -21.14 1.56
N ILE A 25 -9.40 -21.38 0.82
CA ILE A 25 -10.72 -21.56 1.44
C ILE A 25 -10.72 -22.73 2.39
N ARG A 26 -10.11 -23.83 1.96
CA ARG A 26 -10.05 -25.02 2.82
C ARG A 26 -9.34 -24.71 4.14
N LEU A 27 -8.20 -24.03 4.04
CA LEU A 27 -7.39 -23.63 5.17
C LEU A 27 -8.07 -22.56 6.04
N SER A 28 -8.98 -21.79 5.45
CA SER A 28 -9.69 -20.72 6.14
C SER A 28 -10.71 -21.15 7.18
N ALA A 29 -11.02 -22.45 7.23
CA ALA A 29 -11.99 -22.97 8.18
C ALA A 29 -11.32 -23.37 9.49
N GLY A 30 -10.02 -23.07 9.59
CA GLY A 30 -9.29 -23.42 10.79
C GLY A 30 -7.94 -22.78 10.64
N GLY A 31 -7.94 -21.46 10.53
CA GLY A 31 -6.70 -20.73 10.36
C GLY A 31 -7.03 -19.32 9.97
N ASP A 32 -6.15 -18.37 10.26
CA ASP A 32 -6.41 -16.98 9.92
C ASP A 32 -5.81 -16.65 8.58
N ILE A 33 -6.67 -16.70 7.57
CA ILE A 33 -6.32 -16.46 6.16
C ILE A 33 -7.15 -15.29 5.68
N TRP A 34 -6.52 -14.34 5.02
CA TRP A 34 -7.22 -13.16 4.49
C TRP A 34 -8.34 -13.46 3.51
N VAL A 35 -9.26 -12.51 3.38
CA VAL A 35 -10.37 -12.59 2.42
C VAL A 35 -9.82 -11.80 1.23
N THR A 36 -9.83 -12.41 0.05
CA THR A 36 -9.28 -11.72 -1.12
C THR A 36 -10.18 -11.86 -2.33
N ARG A 37 -9.64 -11.52 -3.48
CA ARG A 37 -10.26 -11.63 -4.79
C ARG A 37 -9.38 -10.93 -5.78
N GLU A 38 -9.74 -11.07 -7.05
CA GLU A 38 -9.01 -10.50 -8.16
C GLU A 38 -7.52 -10.76 -7.97
N PRO A 39 -7.13 -12.04 -7.87
CA PRO A 39 -5.74 -12.48 -7.68
C PRO A 39 -4.95 -12.49 -8.99
N TYR A 40 -3.68 -12.89 -8.90
CA TYR A 40 -2.78 -13.02 -10.04
C TYR A 40 -1.39 -13.42 -9.60
N VAL A 41 -0.54 -13.84 -10.52
CA VAL A 41 0.82 -14.19 -10.14
C VAL A 41 1.82 -13.65 -11.15
N SER A 42 3.03 -13.39 -10.67
CA SER A 42 4.09 -12.85 -11.49
C SER A 42 5.44 -13.17 -10.80
N CYS A 43 6.48 -13.39 -11.59
CA CYS A 43 7.76 -13.73 -11.03
C CYS A 43 8.83 -12.73 -11.38
N ASP A 44 9.79 -12.61 -10.47
CA ASP A 44 10.94 -11.77 -10.63
C ASP A 44 11.91 -12.70 -11.36
N PRO A 45 13.14 -12.27 -11.61
CA PRO A 45 14.01 -13.22 -12.31
C PRO A 45 14.41 -14.54 -11.61
N VAL A 46 14.02 -14.70 -10.35
CA VAL A 46 14.38 -15.92 -9.60
C VAL A 46 13.18 -16.70 -9.07
N LYS A 47 12.13 -16.01 -8.60
CA LYS A 47 10.94 -16.71 -8.10
C LYS A 47 9.59 -16.01 -8.35
N CYS A 48 8.50 -16.76 -8.19
CA CYS A 48 7.15 -16.26 -8.40
C CYS A 48 6.43 -15.97 -7.12
N TYR A 49 5.56 -14.98 -7.17
CA TYR A 49 4.77 -14.54 -6.04
C TYR A 49 3.35 -14.56 -6.48
N GLN A 50 2.46 -14.44 -5.53
CA GLN A 50 1.05 -14.42 -5.83
C GLN A 50 0.49 -13.20 -5.16
N PHE A 51 -0.32 -12.47 -5.92
CA PHE A 51 -0.94 -11.27 -5.44
C PHE A 51 -2.42 -11.50 -5.38
N ALA A 52 -3.09 -10.56 -4.72
CA ALA A 52 -4.53 -10.54 -4.50
C ALA A 52 -4.87 -9.31 -3.68
N LEU A 53 -6.04 -8.74 -3.95
CA LEU A 53 -6.48 -7.59 -3.24
C LEU A 53 -7.28 -8.14 -2.09
N GLY A 54 -6.77 -8.02 -0.88
CA GLY A 54 -7.50 -8.50 0.27
C GLY A 54 -8.67 -7.61 0.54
N GLN A 55 -9.42 -7.87 1.59
CA GLN A 55 -10.57 -7.07 1.96
C GLN A 55 -10.39 -6.47 3.34
N GLY A 56 -9.13 -6.23 3.71
CA GLY A 56 -8.79 -5.67 5.01
C GLY A 56 -9.39 -6.49 6.15
N THR A 57 -9.34 -7.81 6.02
CA THR A 57 -9.91 -8.68 7.04
C THR A 57 -9.58 -10.17 6.77
N THR A 58 -10.08 -10.99 7.69
CA THR A 58 -9.91 -12.41 7.70
C THR A 58 -11.30 -13.01 7.61
N LEU A 59 -11.36 -14.22 7.07
CA LEU A 59 -12.59 -14.95 6.85
C LEU A 59 -13.38 -15.24 8.13
N ASP A 60 -12.69 -15.83 9.12
CA ASP A 60 -13.34 -16.15 10.39
C ASP A 60 -13.21 -14.89 11.25
N ASN A 61 -13.95 -13.87 10.82
CA ASN A 61 -13.95 -12.53 11.40
C ASN A 61 -15.30 -11.93 11.01
N LYS A 62 -16.01 -11.35 11.96
CA LYS A 62 -17.31 -10.74 11.66
C LYS A 62 -17.20 -9.70 10.58
N HIS A 63 -16.01 -9.19 10.35
CA HIS A 63 -15.77 -8.16 9.34
C HIS A 63 -15.81 -8.65 7.91
N SER A 64 -15.87 -9.98 7.71
CA SER A 64 -15.91 -10.55 6.38
C SER A 64 -17.31 -10.46 5.76
N ASN A 65 -18.32 -10.23 6.61
CA ASN A 65 -19.72 -10.06 6.17
C ASN A 65 -19.80 -8.97 5.10
N ASP A 66 -20.52 -9.23 4.02
CA ASP A 66 -20.70 -8.24 2.96
C ASP A 66 -19.41 -7.87 2.20
N THR A 67 -18.55 -8.85 2.00
CA THR A 67 -17.31 -8.66 1.26
C THR A 67 -17.49 -8.84 -0.25
N VAL A 68 -18.74 -8.86 -0.70
CA VAL A 68 -19.08 -9.00 -2.12
C VAL A 68 -18.68 -7.74 -2.90
N HIS A 69 -18.75 -6.60 -2.21
CA HIS A 69 -18.37 -5.29 -2.76
C HIS A 69 -16.88 -5.19 -3.11
N ASP A 70 -16.65 -4.74 -4.35
CA ASP A 70 -15.33 -4.60 -4.92
C ASP A 70 -14.42 -3.51 -4.40
N ARG A 71 -14.99 -2.37 -4.00
CA ARG A 71 -14.13 -1.26 -3.59
C ARG A 71 -14.41 -0.56 -2.30
N ILE A 72 -13.61 -0.85 -1.28
CA ILE A 72 -13.68 -0.20 0.02
C ILE A 72 -12.26 0.31 0.22
N PRO A 73 -12.04 1.27 1.15
CA PRO A 73 -10.66 1.78 1.34
C PRO A 73 -9.68 0.80 2.03
N HIS A 74 -10.21 -0.31 2.51
CA HIS A 74 -9.39 -1.28 3.21
C HIS A 74 -8.71 -2.33 2.33
N ARG A 75 -9.02 -2.33 1.04
CA ARG A 75 -8.39 -3.27 0.12
C ARG A 75 -6.99 -2.75 -0.17
N THR A 76 -6.03 -3.64 0.09
CA THR A 76 -4.61 -3.38 -0.06
C THR A 76 -4.07 -4.56 -0.89
N LEU A 77 -2.96 -4.39 -1.59
CA LEU A 77 -2.39 -5.46 -2.41
C LEU A 77 -1.43 -6.41 -1.62
N LEU A 78 -1.83 -7.68 -1.45
CA LEU A 78 -1.04 -8.68 -0.72
C LEU A 78 -0.03 -9.36 -1.64
N MET A 79 1.10 -9.79 -1.11
CA MET A 79 2.13 -10.43 -1.93
C MET A 79 2.95 -11.49 -1.16
N ASN A 80 2.89 -12.75 -1.60
CA ASN A 80 3.64 -13.86 -0.97
C ASN A 80 4.32 -14.72 -2.03
N GLU A 81 5.31 -15.53 -1.67
CA GLU A 81 5.95 -16.43 -2.63
C GLU A 81 4.86 -17.35 -3.13
N LEU A 82 5.00 -17.84 -4.35
CA LEU A 82 3.95 -18.71 -4.86
C LEU A 82 3.84 -20.01 -4.03
N GLY A 83 2.67 -20.23 -3.47
CA GLY A 83 2.46 -21.45 -2.73
C GLY A 83 2.17 -21.22 -1.27
N VAL A 84 2.38 -20.00 -0.83
CA VAL A 84 2.13 -19.66 0.54
C VAL A 84 0.90 -18.78 0.67
N PRO A 85 -0.15 -19.31 1.31
CA PRO A 85 -1.44 -18.68 1.56
C PRO A 85 -1.27 -17.33 2.20
N PHE A 86 -2.34 -16.56 2.15
CA PHE A 86 -2.33 -15.23 2.69
C PHE A 86 -2.70 -15.27 4.15
N HIS A 87 -1.70 -15.56 4.97
CA HIS A 87 -1.83 -15.64 6.42
C HIS A 87 -1.51 -14.26 7.06
N LEU A 88 -1.71 -14.14 8.38
CA LEU A 88 -1.47 -12.87 9.07
C LEU A 88 -0.11 -12.21 8.81
N GLY A 89 0.92 -13.01 8.56
CA GLY A 89 2.23 -12.43 8.32
C GLY A 89 2.45 -11.97 6.90
N THR A 90 1.38 -11.73 6.18
CA THR A 90 1.48 -11.31 4.78
C THR A 90 1.66 -9.81 4.67
N ARG A 91 2.52 -9.37 3.76
CA ARG A 91 2.74 -7.96 3.56
C ARG A 91 1.77 -7.30 2.61
N GLN A 92 0.99 -6.35 3.12
CA GLN A 92 0.07 -5.62 2.28
C GLN A 92 1.03 -4.61 1.60
N VAL A 93 1.49 -4.89 0.39
CA VAL A 93 2.44 -4.00 -0.26
C VAL A 93 2.00 -2.57 -0.60
N CYS A 94 0.67 -2.32 -0.67
CA CYS A 94 0.14 -0.99 -0.97
C CYS A 94 -1.38 -0.98 -0.81
N ILE A 95 -2.00 0.21 -0.85
CA ILE A 95 -3.47 0.35 -0.74
C ILE A 95 -4.05 0.30 -2.18
N ALA A 96 -5.01 -0.59 -2.44
CA ALA A 96 -5.52 -0.72 -3.78
C ALA A 96 -6.72 -1.62 -4.01
N TRP A 97 -7.70 -1.12 -4.78
CA TRP A 97 -8.82 -1.97 -5.16
C TRP A 97 -8.68 -2.33 -6.64
N SER A 98 -7.49 -2.04 -7.18
CA SER A 98 -7.17 -2.33 -8.57
C SER A 98 -5.63 -2.42 -8.60
N SER A 99 -5.04 -3.21 -9.50
CA SER A 99 -3.58 -3.35 -9.53
C SER A 99 -2.92 -4.03 -10.74
N SER A 100 -1.60 -3.97 -10.73
CA SER A 100 -0.74 -4.56 -11.73
C SER A 100 0.66 -4.47 -11.11
N SER A 101 1.47 -5.51 -11.28
CA SER A 101 2.81 -5.51 -10.74
C SER A 101 3.71 -6.20 -11.74
N CYS A 102 4.93 -5.76 -11.83
CA CYS A 102 5.83 -6.40 -12.75
C CYS A 102 7.24 -6.08 -12.35
N HIS A 103 8.17 -6.93 -12.74
CA HIS A 103 9.54 -6.73 -12.39
C HIS A 103 10.40 -6.46 -13.61
N ASP A 104 10.92 -5.25 -13.73
CA ASP A 104 11.73 -4.90 -14.90
C ASP A 104 13.05 -5.65 -15.03
N GLY A 105 13.38 -6.46 -14.03
CA GLY A 105 14.63 -7.18 -14.05
C GLY A 105 15.54 -6.64 -12.97
N LYS A 106 15.26 -5.42 -12.50
CA LYS A 106 15.99 -4.77 -11.43
C LYS A 106 15.10 -4.51 -10.21
N ALA A 107 13.80 -4.26 -10.41
CA ALA A 107 12.88 -4.03 -9.29
C ALA A 107 11.41 -4.20 -9.64
N TRP A 108 10.58 -4.24 -8.60
CA TRP A 108 9.15 -4.41 -8.73
C TRP A 108 8.37 -3.13 -8.88
N LEU A 109 7.44 -3.08 -9.82
CA LEU A 109 6.60 -1.90 -10.01
C LEU A 109 5.21 -2.38 -9.59
N HIS A 110 4.48 -1.56 -8.85
CA HIS A 110 3.13 -1.90 -8.42
C HIS A 110 2.29 -0.70 -8.69
N VAL A 111 1.19 -0.85 -9.43
CA VAL A 111 0.33 0.29 -9.67
C VAL A 111 -0.92 -0.01 -8.90
N CYS A 112 -1.15 0.80 -7.87
CA CYS A 112 -2.26 0.58 -6.97
C CYS A 112 -3.25 1.72 -7.10
N ILE A 113 -4.53 1.39 -7.01
CA ILE A 113 -5.60 2.37 -7.16
C ILE A 113 -6.64 2.30 -6.06
N THR A 114 -6.81 3.39 -5.29
CA THR A 114 -7.84 3.49 -4.25
C THR A 114 -8.41 4.89 -4.37
N GLY A 115 -9.51 5.17 -3.68
CA GLY A 115 -10.04 6.52 -3.74
C GLY A 115 -11.52 6.52 -4.04
N ASP A 116 -12.06 7.70 -4.29
CA ASP A 116 -13.47 7.79 -4.62
C ASP A 116 -13.59 7.08 -5.97
N ASP A 117 -14.78 6.55 -6.29
CA ASP A 117 -14.96 5.91 -7.61
C ASP A 117 -14.94 7.04 -8.62
N LYS A 118 -15.56 8.15 -8.22
CA LYS A 118 -15.62 9.34 -9.05
C LYS A 118 -14.31 10.09 -9.12
N ASN A 119 -13.48 9.98 -8.08
CA ASN A 119 -12.19 10.62 -8.08
C ASN A 119 -11.20 9.74 -7.31
N ALA A 120 -10.48 8.92 -8.06
CA ALA A 120 -9.53 7.98 -7.51
C ALA A 120 -8.15 8.36 -7.97
N THR A 121 -7.13 7.85 -7.27
CA THR A 121 -5.72 8.12 -7.59
C THR A 121 -5.00 6.80 -7.78
N ALA A 122 -3.99 6.78 -8.64
CA ALA A 122 -3.17 5.60 -8.90
C ALA A 122 -1.75 5.98 -8.55
N SER A 123 -1.18 5.26 -7.59
CA SER A 123 0.18 5.53 -7.15
C SER A 123 1.14 4.56 -7.81
N PHE A 124 2.27 5.07 -8.28
CA PHE A 124 3.27 4.25 -8.93
C PHE A 124 4.45 4.02 -8.00
N ILE A 125 4.41 2.87 -7.35
CA ILE A 125 5.42 2.44 -6.38
C ILE A 125 6.47 1.55 -7.05
N TYR A 126 7.74 1.94 -6.92
CA TYR A 126 8.82 1.19 -7.51
C TYR A 126 10.00 1.18 -6.58
N ASP A 127 10.59 0.00 -6.39
CA ASP A 127 11.74 -0.16 -5.55
C ASP A 127 11.52 0.27 -4.10
N GLY A 128 10.26 0.34 -3.69
CA GLY A 128 9.96 0.68 -2.33
C GLY A 128 9.43 2.08 -2.10
N ARG A 129 9.91 3.03 -2.91
CA ARG A 129 9.44 4.41 -2.78
C ARG A 129 8.31 4.69 -3.76
N LEU A 130 7.52 5.73 -3.50
CA LEU A 130 6.40 6.14 -4.36
C LEU A 130 6.94 7.20 -5.28
N VAL A 131 7.26 6.80 -6.52
CA VAL A 131 7.85 7.67 -7.54
C VAL A 131 6.89 8.63 -8.29
N ASP A 132 5.67 8.16 -8.58
CA ASP A 132 4.70 8.96 -9.30
C ASP A 132 3.28 8.70 -8.84
N SER A 133 2.34 9.39 -9.46
CA SER A 133 0.95 9.26 -9.09
C SER A 133 0.17 9.86 -10.26
N ILE A 134 -1.09 9.44 -10.41
CA ILE A 134 -1.96 9.94 -11.47
C ILE A 134 -3.40 9.94 -10.98
N GLY A 135 -4.22 10.79 -11.56
CA GLY A 135 -5.59 10.85 -11.11
C GLY A 135 -6.61 10.45 -12.15
N SER A 136 -7.80 10.16 -11.68
CA SER A 136 -8.89 9.76 -12.56
C SER A 136 -9.07 10.76 -13.68
N TRP A 137 -9.18 10.29 -14.92
CA TRP A 137 -9.36 11.20 -16.07
C TRP A 137 -10.75 11.25 -16.66
N SER A 138 -11.64 10.36 -16.24
CA SER A 138 -12.97 10.37 -16.76
C SER A 138 -13.90 10.36 -15.60
N GLN A 139 -13.36 10.55 -14.40
CA GLN A 139 -14.22 10.58 -13.23
C GLN A 139 -15.13 9.37 -13.01
N ASN A 140 -14.83 8.24 -13.64
CA ASN A 140 -15.67 7.06 -13.43
C ASN A 140 -14.94 5.70 -13.31
N ILE A 141 -14.45 5.50 -12.09
CA ILE A 141 -13.71 4.31 -11.65
C ILE A 141 -12.52 3.95 -12.49
N LEU A 142 -11.39 4.59 -12.17
CA LEU A 142 -10.09 4.37 -12.83
C LEU A 142 -9.75 2.92 -12.52
N ARG A 143 -9.38 2.16 -13.55
CA ARG A 143 -9.10 0.76 -13.39
C ARG A 143 -7.84 0.32 -14.12
N THR A 144 -7.33 -0.84 -13.74
CA THR A 144 -6.17 -1.41 -14.40
C THR A 144 -6.29 -2.95 -14.51
N GLN A 145 -5.26 -3.56 -15.08
CA GLN A 145 -5.20 -4.97 -15.39
C GLN A 145 -5.67 -6.07 -14.46
N GLU A 146 -5.35 -5.98 -13.18
CA GLU A 146 -5.70 -7.06 -12.26
C GLU A 146 -4.77 -8.28 -12.53
N SER A 147 -3.64 -7.99 -13.16
CA SER A 147 -2.64 -9.00 -13.48
C SER A 147 -1.31 -8.31 -13.83
N GLU A 148 -0.27 -9.11 -14.03
CA GLU A 148 1.05 -8.56 -14.32
C GLU A 148 1.14 -7.70 -15.59
N CYS A 149 2.01 -6.71 -15.51
CA CYS A 149 2.29 -5.81 -16.60
C CYS A 149 3.61 -6.35 -17.21
N VAL A 150 4.15 -5.70 -18.25
CA VAL A 150 5.43 -6.16 -18.79
C VAL A 150 6.45 -5.06 -19.16
N CYS A 151 7.70 -5.33 -18.81
CA CYS A 151 8.78 -4.40 -19.03
C CYS A 151 9.82 -4.92 -20.00
N ILE A 152 10.13 -4.12 -21.01
CA ILE A 152 11.14 -4.50 -21.96
C ILE A 152 12.22 -3.46 -21.94
N ASN A 153 13.38 -3.84 -21.44
CA ASN A 153 14.51 -2.97 -21.40
C ASN A 153 14.37 -1.76 -20.50
N GLY A 154 13.61 -1.89 -19.42
CA GLY A 154 13.50 -0.77 -18.51
C GLY A 154 12.25 0.10 -18.57
N THR A 155 11.41 -0.11 -19.57
CA THR A 155 10.17 0.66 -19.72
C THR A 155 9.00 -0.29 -19.57
N CYS A 156 8.19 -0.11 -18.54
CA CYS A 156 7.06 -0.99 -18.31
C CYS A 156 5.80 -0.40 -18.87
N THR A 157 4.89 -1.25 -19.33
CA THR A 157 3.61 -0.77 -19.88
C THR A 157 2.49 -1.38 -19.07
N VAL A 158 1.50 -0.56 -18.72
CA VAL A 158 0.33 -1.03 -18.02
C VAL A 158 -0.77 -0.18 -18.60
N VAL A 159 -1.89 -0.81 -18.92
CA VAL A 159 -3.03 -0.12 -19.52
C VAL A 159 -4.04 0.16 -18.44
N MET A 160 -4.88 1.16 -18.63
CA MET A 160 -5.86 1.49 -17.62
C MET A 160 -7.10 2.02 -18.27
N THR A 161 -8.23 1.89 -17.58
CA THR A 161 -9.49 2.34 -18.13
C THR A 161 -10.35 3.07 -17.10
N ASP A 162 -10.89 4.18 -17.56
CA ASP A 162 -11.77 5.01 -16.77
C ASP A 162 -12.97 5.22 -17.70
N GLY A 163 -14.17 5.12 -17.15
CA GLY A 163 -15.35 5.31 -17.98
C GLY A 163 -16.46 4.36 -17.60
N SER A 164 -17.37 4.10 -18.53
CA SER A 164 -18.49 3.21 -18.28
C SER A 164 -18.23 1.73 -18.61
N ALA A 165 -18.63 0.84 -17.70
CA ALA A 165 -18.47 -0.61 -17.91
C ALA A 165 -19.34 -0.95 -19.09
N SER A 166 -20.64 -0.97 -18.83
CA SER A 166 -21.67 -1.24 -19.82
C SER A 166 -21.84 -0.01 -20.72
N GLY A 167 -20.76 0.50 -21.28
CA GLY A 167 -20.88 1.66 -22.13
C GLY A 167 -19.55 2.01 -22.74
N ARG A 168 -19.47 3.19 -23.31
CA ARG A 168 -18.24 3.66 -23.94
C ARG A 168 -17.31 4.18 -22.80
N ALA A 169 -15.98 4.03 -22.98
CA ALA A 169 -14.99 4.45 -21.98
C ALA A 169 -13.63 4.91 -22.52
N ASP A 170 -12.80 5.46 -21.64
CA ASP A 170 -11.50 6.01 -22.00
C ASP A 170 -10.36 5.13 -21.53
N THR A 171 -9.70 4.50 -22.49
CA THR A 171 -8.63 3.56 -22.23
C THR A 171 -7.32 4.12 -22.66
N ARG A 172 -6.33 4.09 -21.76
CA ARG A 172 -5.02 4.60 -22.10
C ARG A 172 -3.92 3.61 -21.83
N ILE A 173 -2.74 3.88 -22.39
CA ILE A 173 -1.58 3.02 -22.27
C ILE A 173 -0.40 3.79 -21.67
N LEU A 174 -0.01 3.37 -20.48
CA LEU A 174 1.06 4.01 -19.77
C LEU A 174 2.41 3.34 -19.97
N PHE A 175 3.42 4.14 -20.25
CA PHE A 175 4.77 3.68 -20.40
C PHE A 175 5.48 4.37 -19.24
N ILE A 176 6.00 3.59 -18.31
CA ILE A 176 6.66 4.13 -17.14
C ILE A 176 8.05 3.56 -17.03
N GLU A 177 9.00 4.40 -16.64
CA GLU A 177 10.37 3.93 -16.51
C GLU A 177 10.78 4.27 -15.09
N GLU A 178 11.14 3.23 -14.33
CA GLU A 178 11.50 3.34 -12.93
C GLU A 178 10.45 4.02 -12.05
N GLY A 179 9.18 3.64 -12.21
CA GLY A 179 8.11 4.23 -11.41
C GLY A 179 7.56 5.56 -11.92
N LYS A 180 8.31 6.20 -12.81
CA LYS A 180 7.94 7.48 -13.40
C LYS A 180 7.19 7.31 -14.72
N ILE A 181 5.96 7.80 -14.78
CA ILE A 181 5.16 7.72 -16.02
C ILE A 181 5.89 8.51 -17.10
N VAL A 182 6.32 7.87 -18.18
CA VAL A 182 7.03 8.58 -19.24
C VAL A 182 6.35 8.73 -20.59
N HIS A 183 5.04 8.43 -20.68
CA HIS A 183 4.27 8.58 -21.92
C HIS A 183 2.95 7.88 -21.76
N ILE A 184 1.89 8.48 -22.26
CA ILE A 184 0.57 7.86 -22.21
C ILE A 184 -0.03 7.87 -23.61
N SER A 185 -0.11 6.70 -24.23
CA SER A 185 -0.69 6.55 -25.56
C SER A 185 -2.14 6.17 -25.33
N PRO A 186 -3.06 6.71 -26.14
CA PRO A 186 -4.45 6.33 -25.93
C PRO A 186 -4.77 5.15 -26.85
N LEU A 187 -5.93 4.53 -26.63
CA LEU A 187 -6.35 3.40 -27.44
C LEU A 187 -6.61 3.71 -28.95
N ALA A 188 -6.17 2.77 -29.78
CA ALA A 188 -6.31 2.83 -31.24
C ALA A 188 -6.72 1.44 -31.79
N GLY A 189 -7.14 1.37 -33.06
CA GLY A 189 -7.53 0.10 -33.66
C GLY A 189 -9.04 -0.07 -33.53
N SER A 190 -9.55 -1.26 -33.84
CA SER A 190 -10.99 -1.54 -33.80
C SER A 190 -11.72 -1.88 -32.50
N ALA A 191 -11.00 -1.97 -31.37
CA ALA A 191 -11.60 -2.37 -30.09
C ALA A 191 -12.65 -1.41 -29.52
N GLN A 192 -13.73 -1.97 -28.98
CA GLN A 192 -14.84 -1.17 -28.44
C GLN A 192 -14.93 -1.02 -26.90
N HIS A 193 -14.15 -1.82 -26.18
CA HIS A 193 -14.17 -1.75 -24.72
C HIS A 193 -13.02 -2.63 -24.28
N VAL A 194 -12.03 -2.00 -23.68
CA VAL A 194 -10.88 -2.70 -23.19
C VAL A 194 -10.88 -2.62 -21.68
N GLU A 195 -11.01 -3.77 -21.05
CA GLU A 195 -10.99 -3.85 -19.61
C GLU A 195 -10.18 -5.08 -19.23
N GLU A 196 -9.56 -5.04 -18.05
CA GLU A 196 -8.77 -6.14 -17.50
C GLU A 196 -7.82 -6.87 -18.44
N CYS A 197 -6.90 -6.16 -19.09
CA CYS A 197 -6.00 -6.85 -20.01
C CYS A 197 -5.04 -7.88 -19.40
N SER A 198 -4.82 -8.94 -20.18
CA SER A 198 -3.90 -10.01 -19.81
C SER A 198 -2.79 -9.80 -20.82
N CYS A 199 -1.70 -9.18 -20.39
CA CYS A 199 -0.61 -8.87 -21.29
C CYS A 199 0.62 -9.79 -21.19
N TYR A 200 1.32 -9.98 -22.30
CA TYR A 200 2.52 -10.83 -22.32
C TYR A 200 3.47 -10.27 -23.35
N PRO A 201 4.78 -10.42 -23.14
CA PRO A 201 5.68 -9.87 -24.15
C PRO A 201 5.78 -10.73 -25.41
N ARG A 202 5.99 -10.07 -26.54
CA ARG A 202 6.19 -10.69 -27.84
C ARG A 202 7.21 -9.74 -28.38
N TYR A 203 8.46 -9.86 -27.91
CA TYR A 203 9.51 -8.95 -28.34
C TYR A 203 9.41 -8.64 -29.83
N PRO A 204 9.57 -7.35 -30.21
CA PRO A 204 9.81 -6.16 -29.40
C PRO A 204 8.59 -5.45 -28.87
N GLY A 205 7.49 -6.16 -28.72
CA GLY A 205 6.28 -5.52 -28.22
C GLY A 205 5.58 -6.25 -27.09
N VAL A 206 4.38 -5.77 -26.78
CA VAL A 206 3.57 -6.35 -25.72
C VAL A 206 2.18 -6.60 -26.32
N ARG A 207 1.61 -7.78 -26.07
CA ARG A 207 0.28 -8.12 -26.57
C ARG A 207 -0.67 -8.45 -25.41
N CYS A 208 -1.90 -7.95 -25.52
CA CYS A 208 -2.92 -8.15 -24.49
C CYS A 208 -4.23 -8.67 -25.06
N ILE A 209 -4.87 -9.58 -24.32
CA ILE A 209 -6.18 -10.09 -24.71
C ILE A 209 -7.03 -9.60 -23.52
N CYS A 210 -7.92 -8.65 -23.81
CA CYS A 210 -8.67 -8.02 -22.74
C CYS A 210 -10.09 -8.48 -22.58
N ARG A 211 -10.90 -7.64 -21.92
CA ARG A 211 -12.31 -7.93 -21.65
C ARG A 211 -13.26 -6.83 -22.14
N ASP A 212 -14.10 -7.15 -23.13
CA ASP A 212 -15.12 -6.25 -23.65
C ASP A 212 -16.38 -6.50 -22.80
N ASN A 213 -16.64 -5.53 -21.93
CA ASN A 213 -17.77 -5.56 -21.03
C ASN A 213 -19.00 -4.84 -21.60
N TRP A 214 -18.95 -4.54 -22.89
CA TRP A 214 -20.01 -3.80 -23.52
C TRP A 214 -20.75 -4.54 -24.63
N LYS A 215 -20.08 -4.84 -25.72
CA LYS A 215 -20.77 -5.48 -26.83
C LYS A 215 -20.18 -6.77 -27.39
N GLY A 216 -19.13 -7.30 -26.77
CA GLY A 216 -18.50 -8.50 -27.28
C GLY A 216 -18.23 -9.61 -26.29
N SER A 217 -18.45 -10.83 -26.75
CA SER A 217 -18.19 -12.03 -25.98
C SER A 217 -16.87 -12.56 -26.54
N ASN A 218 -16.44 -11.98 -27.66
CA ASN A 218 -15.15 -12.32 -28.22
C ASN A 218 -14.19 -11.33 -27.54
N ARG A 219 -12.91 -11.67 -27.47
CA ARG A 219 -11.95 -10.85 -26.77
C ARG A 219 -11.09 -9.91 -27.57
N PRO A 220 -11.01 -8.64 -27.11
CA PRO A 220 -10.18 -7.66 -27.81
C PRO A 220 -8.69 -7.94 -27.68
N VAL A 221 -7.90 -7.37 -28.57
CA VAL A 221 -6.47 -7.53 -28.51
C VAL A 221 -5.93 -6.09 -28.42
N VAL A 222 -4.72 -5.92 -27.92
CA VAL A 222 -4.10 -4.60 -27.81
C VAL A 222 -2.63 -4.78 -28.16
N ASP A 223 -2.19 -4.04 -29.16
CA ASP A 223 -0.82 -4.16 -29.57
C ASP A 223 -0.14 -2.88 -29.20
N ILE A 224 0.94 -3.04 -28.44
CA ILE A 224 1.76 -1.94 -27.93
C ILE A 224 3.14 -1.98 -28.55
N ASN A 225 3.48 -0.95 -29.33
CA ASN A 225 4.81 -0.91 -29.93
C ASN A 225 5.67 -0.23 -28.90
N MET A 226 6.62 -0.98 -28.38
CA MET A 226 7.48 -0.44 -27.36
C MET A 226 8.42 0.54 -27.99
N GLU A 227 8.82 0.29 -29.21
CA GLU A 227 9.74 1.20 -29.87
C GLU A 227 9.22 2.68 -30.03
N ASP A 228 7.92 2.88 -30.24
CA ASP A 228 7.43 4.23 -30.49
C ASP A 228 6.14 4.61 -29.78
N TYR A 229 5.64 3.73 -28.91
CA TYR A 229 4.39 4.00 -28.20
C TYR A 229 3.12 3.93 -29.07
N SER A 230 3.23 3.52 -30.33
CA SER A 230 2.07 3.37 -31.22
C SER A 230 1.22 2.23 -30.66
N ILE A 231 -0.06 2.17 -31.01
CA ILE A 231 -0.99 1.14 -30.48
C ILE A 231 -2.03 0.73 -31.53
N ASP A 232 -2.38 -0.56 -31.55
CA ASP A 232 -3.38 -1.08 -32.47
C ASP A 232 -4.30 -2.02 -31.71
N SER A 233 -5.58 -2.07 -32.07
CA SER A 233 -6.47 -2.99 -31.39
C SER A 233 -7.24 -3.78 -32.42
N SER A 234 -7.71 -4.96 -32.00
CA SER A 234 -8.46 -5.86 -32.86
C SER A 234 -9.26 -6.76 -31.93
N TYR A 235 -9.70 -7.90 -32.46
CA TYR A 235 -10.45 -8.91 -31.68
C TYR A 235 -9.86 -10.25 -32.14
N VAL A 236 -10.17 -11.30 -31.39
CA VAL A 236 -9.65 -12.61 -31.75
C VAL A 236 -10.44 -13.17 -32.94
N CYS A 237 -9.79 -13.97 -33.77
CA CYS A 237 -10.49 -14.55 -34.92
C CYS A 237 -11.37 -15.72 -34.55
N SER A 238 -10.91 -16.55 -33.62
CA SER A 238 -11.63 -17.75 -33.17
C SER A 238 -13.14 -17.52 -32.98
N GLY A 239 -13.94 -18.33 -33.68
CA GLY A 239 -15.38 -18.26 -33.54
C GLY A 239 -15.68 -18.99 -32.25
N LEU A 240 -14.65 -19.67 -31.72
CA LEU A 240 -14.78 -20.39 -30.47
C LEU A 240 -15.07 -19.44 -29.32
N VAL A 241 -14.39 -18.30 -29.30
CA VAL A 241 -14.75 -17.25 -28.34
C VAL A 241 -14.59 -17.56 -26.84
N GLY A 242 -13.95 -16.63 -26.12
CA GLY A 242 -13.72 -16.88 -24.71
C GLY A 242 -14.19 -15.96 -23.60
N ASP A 243 -15.45 -15.57 -23.60
CA ASP A 243 -15.87 -14.69 -22.55
C ASP A 243 -17.08 -15.35 -21.98
N THR A 244 -17.47 -14.97 -20.78
CA THR A 244 -18.68 -15.51 -20.16
C THR A 244 -19.48 -14.29 -19.66
N PRO A 245 -20.78 -14.19 -20.04
CA PRO A 245 -21.53 -15.12 -20.88
C PRO A 245 -21.13 -15.04 -22.35
N ARG A 246 -21.49 -16.07 -23.09
CA ARG A 246 -21.20 -16.11 -24.50
C ARG A 246 -22.38 -16.86 -25.15
N ASN A 247 -22.41 -16.91 -26.48
CA ASN A 247 -23.50 -17.58 -27.19
C ASN A 247 -23.42 -19.08 -27.08
N ASP A 248 -22.47 -19.67 -27.79
CA ASP A 248 -22.24 -21.13 -27.81
C ASP A 248 -21.63 -21.55 -29.12
N ASP A 249 -20.49 -22.23 -29.00
CA ASP A 249 -19.67 -22.71 -30.09
C ASP A 249 -20.28 -22.81 -31.45
N ARG A 250 -21.44 -23.42 -31.55
CA ARG A 250 -22.04 -23.51 -32.87
C ARG A 250 -22.57 -22.17 -33.37
N SER A 251 -23.35 -21.47 -32.55
CA SER A 251 -23.87 -20.15 -32.93
C SER A 251 -23.00 -19.01 -32.37
N SER A 252 -21.69 -19.10 -32.57
CA SER A 252 -20.74 -18.10 -32.07
C SER A 252 -19.90 -17.60 -33.20
N ASN A 253 -19.69 -16.28 -33.24
CA ASN A 253 -18.91 -15.72 -34.32
C ASN A 253 -17.86 -14.74 -33.86
N SER A 254 -16.96 -14.44 -34.78
CA SER A 254 -15.89 -13.48 -34.54
C SER A 254 -15.21 -13.29 -35.87
N ASN A 255 -15.08 -12.03 -36.27
CA ASN A 255 -14.40 -11.71 -37.52
C ASN A 255 -13.07 -11.07 -37.25
N CYS A 256 -12.67 -11.10 -35.98
CA CYS A 256 -11.43 -10.52 -35.51
C CYS A 256 -11.41 -9.02 -35.63
N ARG A 257 -12.48 -8.45 -36.17
CA ARG A 257 -12.50 -7.04 -36.45
C ARG A 257 -13.39 -6.22 -35.53
N ASP A 258 -14.61 -6.71 -35.26
CA ASP A 258 -15.55 -5.94 -34.45
C ASP A 258 -16.19 -6.77 -33.37
N PRO A 259 -16.81 -6.15 -32.36
CA PRO A 259 -17.47 -6.90 -31.29
C PRO A 259 -18.55 -7.75 -31.94
N ASN A 260 -18.70 -8.99 -31.47
CA ASN A 260 -19.67 -9.92 -32.07
C ASN A 260 -21.12 -9.63 -31.80
N ASN A 261 -21.40 -8.76 -30.86
CA ASN A 261 -22.78 -8.45 -30.54
C ASN A 261 -23.60 -9.69 -30.15
N GLU A 262 -22.97 -10.66 -29.47
CA GLU A 262 -23.66 -11.89 -29.02
C GLU A 262 -23.45 -12.01 -27.50
N ARG A 263 -24.50 -11.72 -26.72
CA ARG A 263 -24.43 -11.73 -25.24
C ARG A 263 -23.30 -10.78 -24.74
N GLY A 264 -22.84 -9.97 -25.69
CA GLY A 264 -21.75 -9.02 -25.57
C GLY A 264 -21.31 -8.33 -24.31
N THR A 265 -22.23 -7.62 -23.67
CA THR A 265 -21.99 -6.80 -22.49
C THR A 265 -20.99 -7.34 -21.47
N GLN A 266 -21.42 -7.58 -20.24
CA GLN A 266 -20.52 -8.10 -19.21
C GLN A 266 -19.48 -9.13 -19.70
N GLY A 267 -18.67 -9.60 -18.78
CA GLY A 267 -17.65 -10.57 -19.12
C GLY A 267 -16.88 -11.02 -17.91
N VAL A 268 -15.61 -11.33 -18.10
CA VAL A 268 -14.79 -11.77 -17.00
C VAL A 268 -13.37 -11.67 -17.52
N LYS A 269 -12.42 -11.41 -16.61
CA LYS A 269 -11.01 -11.33 -17.02
C LYS A 269 -10.56 -12.70 -17.50
N GLY A 270 -9.96 -12.74 -18.69
CA GLY A 270 -9.51 -13.99 -19.26
C GLY A 270 -8.24 -13.75 -20.04
N TRP A 271 -7.74 -14.77 -20.73
CA TRP A 271 -6.49 -14.63 -21.48
C TRP A 271 -6.54 -15.52 -22.69
N ALA A 272 -5.50 -15.43 -23.52
CA ALA A 272 -5.30 -16.23 -24.73
C ALA A 272 -3.95 -15.79 -25.26
N PHE A 273 -3.30 -16.59 -26.09
CA PHE A 273 -2.03 -16.19 -26.70
C PHE A 273 -1.81 -16.93 -28.01
N ASP A 274 -1.12 -16.28 -28.93
CA ASP A 274 -0.89 -16.84 -30.25
C ASP A 274 0.32 -17.76 -30.41
N ASN A 275 0.24 -18.61 -31.42
CA ASN A 275 1.34 -19.51 -31.81
C ASN A 275 1.08 -19.77 -33.29
N GLY A 276 1.76 -18.99 -34.12
CA GLY A 276 1.58 -19.07 -35.56
C GLY A 276 0.22 -18.51 -35.92
N ASN A 277 -0.62 -19.34 -36.51
CA ASN A 277 -1.95 -18.89 -36.88
C ASN A 277 -2.92 -19.44 -35.86
N ASP A 278 -2.34 -20.00 -34.79
CA ASP A 278 -3.10 -20.65 -33.72
C ASP A 278 -3.22 -19.86 -32.44
N LEU A 279 -4.12 -20.33 -31.60
CA LEU A 279 -4.40 -19.67 -30.36
C LEU A 279 -4.56 -20.67 -29.26
N TRP A 280 -3.93 -20.40 -28.13
CA TRP A 280 -4.06 -21.22 -26.93
C TRP A 280 -5.00 -20.38 -26.10
N MET A 281 -6.07 -20.98 -25.60
CA MET A 281 -7.01 -20.20 -24.84
C MET A 281 -7.78 -20.96 -23.79
N GLY A 282 -8.23 -20.25 -22.77
CA GLY A 282 -9.00 -20.88 -21.73
C GLY A 282 -10.24 -20.06 -21.46
N ARG A 283 -11.29 -20.71 -21.01
CA ARG A 283 -12.54 -20.05 -20.65
C ARG A 283 -13.25 -20.97 -19.66
N THR A 284 -14.27 -20.48 -18.99
CA THR A 284 -15.01 -21.32 -18.07
C THR A 284 -15.69 -22.33 -18.99
N ILE A 285 -16.13 -23.46 -18.45
CA ILE A 285 -16.80 -24.40 -19.32
C ILE A 285 -18.25 -23.89 -19.50
N SER A 286 -18.76 -23.16 -18.52
CA SER A 286 -20.13 -22.60 -18.55
C SER A 286 -20.16 -21.25 -19.25
N LYS A 287 -21.17 -21.04 -20.07
CA LYS A 287 -21.32 -19.80 -20.86
C LYS A 287 -22.30 -18.78 -20.28
N ASP A 288 -22.78 -19.08 -19.08
CA ASP A 288 -23.71 -18.20 -18.39
C ASP A 288 -23.06 -17.83 -17.08
N LEU A 289 -22.54 -18.86 -16.41
CA LEU A 289 -21.88 -18.72 -15.12
C LEU A 289 -20.38 -18.92 -15.26
N ARG A 290 -19.61 -18.52 -14.26
CA ARG A 290 -18.16 -18.70 -14.29
C ARG A 290 -17.94 -20.08 -13.67
N SER A 291 -18.38 -21.14 -14.31
CA SER A 291 -18.21 -22.47 -13.74
C SER A 291 -17.28 -23.36 -14.53
N GLY A 292 -16.38 -24.05 -13.82
CA GLY A 292 -15.44 -24.91 -14.47
C GLY A 292 -14.48 -24.11 -15.32
N TYR A 293 -13.43 -24.73 -15.82
CA TYR A 293 -12.47 -24.02 -16.63
C TYR A 293 -11.84 -25.05 -17.52
N GLU A 294 -11.72 -24.71 -18.79
CA GLU A 294 -11.14 -25.56 -19.80
C GLU A 294 -10.17 -24.73 -20.60
N THR A 295 -9.23 -25.41 -21.23
CA THR A 295 -8.24 -24.80 -22.12
C THR A 295 -8.17 -25.71 -23.35
N PHE A 296 -7.68 -25.16 -24.45
CA PHE A 296 -7.55 -25.87 -25.70
C PHE A 296 -6.92 -24.96 -26.70
N LYS A 297 -6.36 -25.55 -27.74
CA LYS A 297 -5.75 -24.79 -28.81
C LYS A 297 -6.84 -24.69 -29.86
N VAL A 298 -6.71 -23.75 -30.78
CA VAL A 298 -7.67 -23.55 -31.87
C VAL A 298 -6.83 -23.34 -33.11
N ILE A 299 -6.92 -24.34 -33.98
CA ILE A 299 -6.18 -24.32 -35.22
C ILE A 299 -6.79 -23.18 -36.01
N GLY A 300 -5.97 -22.19 -36.33
CA GLY A 300 -6.47 -21.04 -37.06
C GLY A 300 -6.95 -19.90 -36.17
N GLY A 301 -7.37 -20.21 -34.95
CA GLY A 301 -7.84 -19.22 -34.00
C GLY A 301 -7.20 -17.84 -33.97
N TRP A 302 -5.94 -17.71 -34.35
CA TRP A 302 -5.33 -16.40 -34.35
C TRP A 302 -5.65 -15.62 -35.63
N SER A 303 -5.15 -16.11 -36.76
CA SER A 303 -5.25 -15.46 -38.05
C SER A 303 -6.46 -15.72 -38.95
N THR A 304 -7.28 -16.71 -38.65
CA THR A 304 -8.39 -16.91 -39.54
C THR A 304 -9.68 -16.75 -38.80
N PRO A 305 -10.51 -15.81 -39.26
CA PRO A 305 -11.81 -15.48 -38.68
C PRO A 305 -12.70 -16.67 -38.44
N ASN A 306 -13.55 -16.51 -37.44
CA ASN A 306 -14.52 -17.54 -37.07
C ASN A 306 -14.06 -18.99 -37.12
N SER A 307 -12.79 -19.26 -36.85
CA SER A 307 -12.29 -20.63 -36.87
C SER A 307 -12.74 -21.32 -35.60
N LYS A 308 -13.19 -22.56 -35.74
CA LYS A 308 -13.65 -23.33 -34.59
C LYS A 308 -13.06 -24.74 -34.54
N SER A 309 -11.90 -24.93 -35.13
CA SER A 309 -11.25 -26.22 -35.12
C SER A 309 -10.31 -26.31 -33.92
N GLN A 310 -10.86 -26.76 -32.80
CA GLN A 310 -10.07 -26.86 -31.60
C GLN A 310 -9.48 -28.23 -31.32
N ILE A 311 -8.25 -28.24 -30.80
CA ILE A 311 -7.55 -29.48 -30.45
C ILE A 311 -6.90 -29.30 -29.06
N ASN A 312 -6.27 -30.37 -28.52
CA ASN A 312 -5.59 -30.40 -27.19
C ASN A 312 -6.35 -29.83 -25.99
N ARG A 313 -7.67 -30.01 -25.95
CA ARG A 313 -8.47 -29.48 -24.86
C ARG A 313 -7.96 -30.05 -23.57
N GLN A 314 -8.32 -29.41 -22.44
CA GLN A 314 -7.93 -29.83 -21.10
C GLN A 314 -8.87 -29.20 -20.06
N VAL A 315 -9.41 -29.97 -19.13
CA VAL A 315 -10.24 -29.35 -18.09
C VAL A 315 -9.35 -29.15 -16.87
N ILE A 316 -9.34 -27.93 -16.39
CA ILE A 316 -8.55 -27.60 -15.24
C ILE A 316 -9.44 -27.73 -14.01
N VAL A 317 -10.67 -27.26 -14.14
CA VAL A 317 -11.69 -27.32 -13.08
C VAL A 317 -13.00 -27.88 -13.71
N ASP A 318 -13.53 -28.98 -13.18
CA ASP A 318 -14.75 -29.53 -13.75
C ASP A 318 -15.91 -28.56 -13.64
N SER A 319 -16.81 -28.66 -14.62
CA SER A 319 -18.00 -27.83 -14.75
C SER A 319 -18.89 -27.76 -13.53
N ASP A 320 -18.78 -28.75 -12.65
CA ASP A 320 -19.62 -28.73 -11.47
C ASP A 320 -19.01 -27.88 -10.36
N ASN A 321 -17.94 -27.17 -10.70
CA ASN A 321 -17.24 -26.32 -9.76
C ASN A 321 -17.08 -24.90 -10.27
N ARG A 322 -17.01 -23.95 -9.34
CA ARG A 322 -16.85 -22.52 -9.62
C ARG A 322 -15.42 -22.12 -9.96
N SER A 323 -15.27 -21.17 -10.87
CA SER A 323 -13.95 -20.64 -11.22
C SER A 323 -13.98 -19.08 -11.11
N GLY A 324 -13.61 -18.36 -12.16
CA GLY A 324 -13.62 -16.91 -12.12
C GLY A 324 -12.58 -16.28 -13.03
N TYR A 325 -11.95 -15.23 -12.52
CA TYR A 325 -10.92 -14.51 -13.28
C TYR A 325 -9.79 -15.44 -13.65
N SER A 326 -8.99 -15.00 -14.60
CA SER A 326 -7.90 -15.77 -15.10
C SER A 326 -7.05 -14.83 -15.89
N GLY A 327 -5.76 -15.03 -15.78
CA GLY A 327 -4.80 -14.20 -16.48
C GLY A 327 -3.65 -15.10 -16.88
N ILE A 328 -2.68 -14.49 -17.54
CA ILE A 328 -1.52 -15.18 -18.02
C ILE A 328 -0.28 -14.60 -17.31
N PHE A 329 0.84 -15.29 -17.43
CA PHE A 329 2.12 -14.84 -16.89
C PHE A 329 3.25 -15.56 -17.61
N SER A 330 4.30 -14.80 -17.90
CA SER A 330 5.42 -15.35 -18.63
C SER A 330 6.60 -15.67 -17.75
N VAL A 331 7.38 -16.64 -18.18
CA VAL A 331 8.51 -17.09 -17.40
C VAL A 331 9.64 -17.45 -18.33
N GLU A 332 10.77 -16.82 -18.11
CA GLU A 332 11.93 -17.04 -18.95
C GLU A 332 12.69 -18.35 -18.69
N GLY A 333 12.85 -19.15 -19.74
CA GLY A 333 13.59 -20.39 -19.63
C GLY A 333 15.03 -20.20 -20.07
N LYS A 334 15.82 -21.26 -20.17
CA LYS A 334 17.21 -21.13 -20.60
C LYS A 334 17.25 -20.99 -22.09
N SER A 335 16.15 -21.32 -22.76
CA SER A 335 16.08 -21.25 -24.22
C SER A 335 14.91 -20.47 -24.82
N CYS A 336 13.80 -20.42 -24.12
CA CYS A 336 12.64 -19.75 -24.63
C CYS A 336 11.80 -19.17 -23.50
N ILE A 337 10.85 -18.30 -23.84
CA ILE A 337 10.00 -17.73 -22.82
C ILE A 337 8.64 -18.39 -22.92
N ASN A 338 8.34 -19.14 -21.86
CA ASN A 338 7.13 -19.93 -21.68
C ASN A 338 6.02 -19.11 -21.01
N ARG A 339 4.79 -19.40 -21.40
CA ARG A 339 3.63 -18.72 -20.85
C ARG A 339 2.88 -19.67 -19.93
N CYS A 340 2.36 -19.11 -18.83
CA CYS A 340 1.61 -19.86 -17.84
C CYS A 340 0.34 -19.08 -17.55
N PHE A 341 -0.56 -19.63 -16.74
CA PHE A 341 -1.83 -18.99 -16.37
C PHE A 341 -2.31 -19.43 -14.96
N TYR A 342 -3.10 -18.57 -14.32
CA TYR A 342 -3.65 -18.81 -12.99
C TYR A 342 -5.16 -18.77 -13.14
N VAL A 343 -5.90 -19.35 -12.21
CA VAL A 343 -7.36 -19.33 -12.23
C VAL A 343 -7.90 -18.97 -10.84
N GLU A 344 -8.77 -17.97 -10.77
CA GLU A 344 -9.36 -17.57 -9.49
C GLU A 344 -10.55 -18.47 -9.19
N LEU A 345 -10.59 -19.08 -8.01
CA LEU A 345 -11.70 -19.97 -7.64
C LEU A 345 -12.47 -19.28 -6.54
N ILE A 346 -13.44 -18.46 -6.96
CA ILE A 346 -14.24 -17.66 -6.04
C ILE A 346 -15.38 -18.45 -5.42
N ARG A 347 -15.54 -18.25 -4.11
CA ARG A 347 -16.55 -18.94 -3.30
C ARG A 347 -17.33 -17.95 -2.48
N GLY A 348 -18.38 -18.46 -1.86
CA GLY A 348 -19.19 -17.64 -1.02
C GLY A 348 -20.23 -16.84 -1.77
N ARG A 349 -20.53 -15.69 -1.18
CA ARG A 349 -21.55 -14.76 -1.64
C ARG A 349 -21.86 -14.44 -3.09
N LYS A 350 -23.15 -14.12 -3.12
CA LYS A 350 -23.98 -13.81 -4.24
C LYS A 350 -24.38 -15.21 -4.66
N GLN A 351 -23.45 -15.99 -5.20
CA GLN A 351 -23.85 -17.33 -5.60
C GLN A 351 -24.18 -18.23 -4.42
N GLU A 352 -23.19 -18.58 -3.61
CA GLU A 352 -23.41 -19.40 -2.42
C GLU A 352 -23.73 -18.42 -1.27
N THR A 353 -24.88 -18.59 -0.64
CA THR A 353 -25.29 -17.68 0.40
C THR A 353 -25.48 -18.25 1.77
N ARG A 354 -24.88 -19.42 2.01
CA ARG A 354 -24.97 -20.02 3.33
C ARG A 354 -24.17 -19.12 4.22
N VAL A 355 -23.02 -18.74 3.66
CA VAL A 355 -22.05 -17.89 4.31
C VAL A 355 -22.31 -16.49 3.79
N TRP A 356 -21.86 -15.47 4.53
CA TRP A 356 -22.07 -14.07 4.14
C TRP A 356 -20.86 -13.42 3.54
N TRP A 357 -19.75 -14.15 3.43
CA TRP A 357 -18.48 -13.62 2.91
C TRP A 357 -18.22 -14.03 1.46
N THR A 358 -17.10 -13.57 0.90
CA THR A 358 -16.71 -13.93 -0.46
C THR A 358 -15.18 -13.94 -0.49
N SER A 359 -14.58 -15.00 -1.00
CA SER A 359 -13.12 -15.07 -1.05
C SER A 359 -12.77 -15.96 -2.22
N ASN A 360 -11.58 -16.56 -2.19
CA ASN A 360 -11.14 -17.45 -3.26
C ASN A 360 -9.79 -18.15 -3.01
N SER A 361 -9.47 -19.13 -3.84
CA SER A 361 -8.20 -19.84 -3.80
C SER A 361 -7.73 -19.74 -5.26
N ILE A 362 -6.55 -20.24 -5.56
CA ILE A 362 -6.05 -20.17 -6.92
C ILE A 362 -5.53 -21.54 -7.35
N VAL A 363 -5.23 -21.68 -8.62
CA VAL A 363 -4.66 -22.92 -9.16
C VAL A 363 -3.85 -22.36 -10.30
N VAL A 364 -2.65 -22.85 -10.49
CA VAL A 364 -1.86 -22.37 -11.60
C VAL A 364 -1.17 -23.55 -12.36
N PHE A 365 -1.20 -23.44 -13.70
CA PHE A 365 -0.63 -24.42 -14.60
C PHE A 365 0.36 -23.73 -15.49
N CYS A 366 1.34 -24.47 -15.98
CA CYS A 366 2.33 -23.91 -16.89
C CYS A 366 2.55 -24.67 -18.18
N GLY A 367 2.87 -23.94 -19.22
CA GLY A 367 3.08 -24.57 -20.49
C GLY A 367 4.18 -25.62 -20.49
N THR A 368 3.89 -26.77 -21.08
CA THR A 368 4.87 -27.82 -21.18
C THR A 368 4.88 -28.39 -22.58
N SER A 369 6.06 -28.84 -22.99
CA SER A 369 6.25 -29.51 -24.28
C SER A 369 6.43 -31.00 -23.97
N GLY A 370 6.05 -31.41 -22.77
CA GLY A 370 6.18 -32.78 -22.40
C GLY A 370 4.86 -33.44 -22.63
N THR A 371 4.50 -34.36 -21.74
CA THR A 371 3.26 -35.13 -21.82
C THR A 371 2.50 -34.85 -20.52
N TYR A 372 1.27 -35.28 -20.42
CA TYR A 372 0.50 -35.04 -19.22
C TYR A 372 -0.72 -35.94 -19.27
N GLY A 373 -1.50 -35.98 -18.19
CA GLY A 373 -2.67 -36.82 -18.15
C GLY A 373 -3.95 -36.03 -18.20
N THR A 374 -4.83 -36.29 -17.21
CA THR A 374 -6.14 -35.66 -17.07
C THR A 374 -6.43 -35.42 -15.58
N GLY A 375 -7.38 -34.54 -15.25
CA GLY A 375 -7.72 -34.27 -13.86
C GLY A 375 -8.74 -33.14 -13.68
N SER A 376 -8.80 -32.57 -12.47
CA SER A 376 -9.70 -31.46 -12.13
C SER A 376 -9.27 -31.01 -10.74
N TRP A 377 -8.91 -29.75 -10.60
CA TRP A 377 -8.41 -29.23 -9.33
C TRP A 377 -9.18 -27.99 -8.83
N PRO A 378 -10.38 -28.18 -8.27
CA PRO A 378 -11.21 -27.10 -7.75
C PRO A 378 -10.80 -26.56 -6.38
N ASP A 379 -11.53 -25.56 -5.89
CA ASP A 379 -11.25 -25.01 -4.57
C ASP A 379 -11.18 -26.14 -3.52
N GLY A 380 -12.24 -26.94 -3.44
CA GLY A 380 -12.27 -28.05 -2.52
C GLY A 380 -12.94 -27.89 -1.17
N ALA A 381 -13.27 -26.67 -0.77
CA ALA A 381 -13.89 -26.43 0.54
C ALA A 381 -15.33 -26.90 0.60
N ASN A 382 -15.75 -27.42 1.75
CA ASN A 382 -17.12 -27.87 1.91
C ASN A 382 -17.82 -26.72 2.59
N ILE A 383 -18.60 -25.96 1.82
CA ILE A 383 -19.33 -24.81 2.35
C ILE A 383 -20.08 -25.08 3.66
N ASN A 384 -20.32 -26.33 4.00
CA ASN A 384 -21.03 -26.57 5.24
C ASN A 384 -20.11 -26.70 6.42
N PHE A 385 -18.82 -26.61 6.15
CA PHE A 385 -17.82 -26.66 7.20
C PHE A 385 -17.36 -25.22 7.48
N MET A 386 -17.62 -24.32 6.53
CA MET A 386 -17.16 -22.95 6.60
C MET A 386 -17.89 -22.06 7.55
N PRO A 387 -17.14 -21.11 8.15
CA PRO A 387 -17.69 -20.14 9.10
C PRO A 387 -18.74 -19.26 8.42
N ILE A 388 -19.66 -18.78 9.25
CA ILE A 388 -20.78 -17.90 8.92
C ILE A 388 -22.00 -18.72 8.57
N VAL B 1 29.76 0.68 1.66
CA VAL B 1 28.51 1.31 2.20
C VAL B 1 28.84 2.67 2.78
N GLU B 2 28.35 3.70 2.11
CA GLU B 2 28.58 5.06 2.52
C GLU B 2 27.56 5.38 3.60
N TYR B 3 27.69 6.58 4.18
CA TYR B 3 26.74 7.08 5.18
C TYR B 3 25.75 7.97 4.45
N ARG B 4 24.58 8.13 5.08
CA ARG B 4 23.53 8.98 4.54
C ARG B 4 23.86 10.42 4.91
N ASN B 5 24.22 11.24 3.94
CA ASN B 5 24.50 12.64 4.20
C ASN B 5 23.32 13.48 3.72
N TRP B 6 22.29 12.81 3.19
CA TRP B 6 21.05 13.42 2.66
C TRP B 6 21.19 14.69 1.82
N SER B 7 22.27 14.82 1.04
CA SER B 7 22.51 16.00 0.19
C SER B 7 21.71 16.05 -1.12
N LYS B 8 20.44 16.44 -1.06
CA LYS B 8 19.63 16.49 -2.28
C LYS B 8 18.42 17.35 -2.05
N PRO B 9 17.95 18.02 -3.08
CA PRO B 9 16.79 18.88 -3.02
C PRO B 9 15.58 18.17 -2.45
N GLN B 10 14.77 18.90 -1.71
CA GLN B 10 13.53 18.32 -1.21
C GLN B 10 12.71 18.34 -2.49
N CYS B 11 12.06 17.23 -2.81
CA CYS B 11 11.25 17.18 -4.02
C CYS B 11 10.12 18.21 -3.93
N GLN B 12 9.81 18.82 -5.07
CA GLN B 12 8.73 19.78 -5.16
C GLN B 12 7.45 18.97 -5.29
N ILE B 13 6.77 18.75 -4.17
CA ILE B 13 5.54 17.94 -4.16
C ILE B 13 4.31 18.74 -4.57
N THR B 14 3.26 18.02 -4.95
CA THR B 14 1.99 18.58 -5.39
C THR B 14 0.89 18.09 -4.47
N GLY B 15 1.28 17.25 -3.52
CA GLY B 15 0.33 16.70 -2.58
C GLY B 15 0.79 15.32 -2.19
N PHE B 16 -0.10 14.54 -1.56
CA PHE B 16 0.24 13.19 -1.11
C PHE B 16 -0.63 12.12 -1.73
N ALA B 17 -0.02 10.99 -2.07
CA ALA B 17 -0.71 9.84 -2.68
C ALA B 17 -0.65 8.72 -1.68
N PRO B 18 -1.70 7.90 -1.59
CA PRO B 18 -1.69 6.79 -0.61
C PRO B 18 -0.49 5.84 -0.75
N PHE B 19 0.08 5.44 0.39
CA PHE B 19 1.27 4.58 0.37
C PHE B 19 1.12 3.17 0.97
N SER B 20 0.55 3.09 2.17
CA SER B 20 0.40 1.81 2.86
C SER B 20 -0.70 1.97 3.90
N LYS B 21 -1.22 0.85 4.38
CA LYS B 21 -2.28 0.79 5.41
C LYS B 21 -2.11 -0.64 5.95
N ASP B 22 -2.29 -0.88 7.26
CA ASP B 22 -2.08 -2.25 7.77
C ASP B 22 -3.29 -3.03 8.23
N ASN B 23 -4.38 -2.30 8.49
CA ASN B 23 -5.65 -2.90 8.89
C ASN B 23 -5.61 -3.72 10.17
N SER B 24 -4.80 -3.26 11.11
CA SER B 24 -4.67 -3.93 12.37
C SER B 24 -5.92 -4.20 13.19
N ILE B 25 -6.71 -3.19 13.49
CA ILE B 25 -7.92 -3.39 14.31
C ILE B 25 -8.87 -4.34 13.63
N ARG B 26 -9.06 -4.15 12.33
CA ARG B 26 -9.96 -5.05 11.58
C ARG B 26 -9.51 -6.51 11.68
N LEU B 27 -8.21 -6.73 11.48
CA LEU B 27 -7.58 -8.03 11.54
C LEU B 27 -7.56 -8.61 12.96
N SER B 28 -7.60 -7.74 13.97
CA SER B 28 -7.56 -8.14 15.37
C SER B 28 -8.81 -8.84 15.90
N ALA B 29 -9.88 -8.85 15.12
CA ALA B 29 -11.13 -9.49 15.54
C ALA B 29 -11.16 -10.95 15.11
N GLY B 30 -10.04 -11.43 14.58
CA GLY B 30 -9.97 -12.81 14.14
C GLY B 30 -8.54 -13.03 13.76
N GLY B 31 -7.66 -12.88 14.73
CA GLY B 31 -6.24 -13.06 14.49
C GLY B 31 -5.48 -12.52 15.67
N ASP B 32 -4.28 -13.03 15.92
CA ASP B 32 -3.50 -12.57 17.06
C ASP B 32 -2.58 -11.46 16.63
N ILE B 33 -3.04 -10.24 16.89
CA ILE B 33 -2.34 -8.99 16.54
C ILE B 33 -2.09 -8.23 17.83
N TRP B 34 -0.87 -7.76 18.02
CA TRP B 34 -0.50 -6.99 19.21
C TRP B 34 -1.32 -5.73 19.45
N VAL B 35 -1.35 -5.29 20.71
CA VAL B 35 -2.02 -4.05 21.11
C VAL B 35 -0.86 -3.05 21.10
N THR B 36 -1.02 -1.95 20.38
CA THR B 36 0.06 -0.97 20.30
C THR B 36 -0.45 0.45 20.47
N ARG B 37 0.41 1.40 20.13
CA ARG B 37 0.14 2.83 20.13
C ARG B 37 1.44 3.54 19.90
N GLU B 38 1.35 4.85 19.73
CA GLU B 38 2.48 5.71 19.46
C GLU B 38 3.36 5.07 18.40
N PRO B 39 2.78 4.81 17.21
CA PRO B 39 3.48 4.19 16.07
C PRO B 39 4.32 5.19 15.28
N TYR B 40 4.97 4.71 14.23
CA TYR B 40 5.78 5.53 13.31
C TYR B 40 6.44 4.67 12.26
N VAL B 41 6.97 5.28 11.22
CA VAL B 41 7.66 4.48 10.21
C VAL B 41 8.95 5.17 9.77
N SER B 42 9.91 4.36 9.33
CA SER B 42 11.21 4.85 8.91
C SER B 42 11.84 3.77 8.00
N CYS B 43 12.62 4.20 7.02
CA CYS B 43 13.22 3.27 6.10
C CYS B 43 14.72 3.32 6.13
N ASP B 44 15.32 2.17 5.84
CA ASP B 44 16.75 2.01 5.74
C ASP B 44 16.99 2.38 4.27
N PRO B 45 18.22 2.26 3.79
CA PRO B 45 18.39 2.63 2.38
C PRO B 45 17.68 1.79 1.29
N VAL B 46 17.03 0.70 1.69
CA VAL B 46 16.35 -0.18 0.72
C VAL B 46 14.86 -0.35 0.98
N LYS B 47 14.44 -0.46 2.26
CA LYS B 47 13.02 -0.60 2.57
C LYS B 47 12.53 0.07 3.86
N CYS B 48 11.22 0.21 3.99
CA CYS B 48 10.60 0.84 5.15
C CYS B 48 10.00 -0.15 6.11
N TYR B 49 10.01 0.20 7.37
CA TYR B 49 9.50 -0.62 8.45
C TYR B 49 8.54 0.22 9.20
N GLN B 50 7.77 -0.41 10.05
CA GLN B 50 6.81 0.30 10.86
C GLN B 50 7.06 -0.12 12.28
N PHE B 51 7.10 0.88 13.16
CA PHE B 51 7.33 0.67 14.56
C PHE B 51 6.08 1.04 15.30
N ALA B 52 6.07 0.65 16.58
CA ALA B 52 4.98 0.87 17.52
C ALA B 52 5.37 0.24 18.84
N LEU B 53 4.94 0.88 19.93
CA LEU B 53 5.23 0.38 21.23
C LEU B 53 4.05 -0.49 21.57
N GLY B 54 4.26 -1.79 21.62
CA GLY B 54 3.18 -2.69 21.96
C GLY B 54 2.85 -2.56 23.42
N GLN B 55 1.92 -3.35 23.91
CA GLN B 55 1.52 -3.31 25.31
C GLN B 55 1.76 -4.67 25.97
N GLY B 56 2.76 -5.38 25.46
CA GLY B 56 3.12 -6.70 25.97
C GLY B 56 1.92 -7.64 25.97
N THR B 57 1.12 -7.59 24.91
CA THR B 57 -0.07 -8.42 24.83
C THR B 57 -0.75 -8.33 23.44
N THR B 58 -1.83 -9.09 23.33
CA THR B 58 -2.63 -9.21 22.16
C THR B 58 -4.03 -8.73 22.53
N LEU B 59 -4.74 -8.25 21.53
CA LEU B 59 -6.08 -7.70 21.68
C LEU B 59 -7.10 -8.70 22.23
N ASP B 60 -7.18 -9.87 21.59
CA ASP B 60 -8.12 -10.90 22.03
C ASP B 60 -7.38 -11.70 23.10
N ASN B 61 -7.17 -11.03 24.23
CA ASN B 61 -6.41 -11.53 25.37
C ASN B 61 -6.94 -10.72 26.57
N LYS B 62 -7.27 -11.39 27.66
CA LYS B 62 -7.76 -10.69 28.84
C LYS B 62 -6.78 -9.65 29.33
N HIS B 63 -5.54 -9.76 28.93
CA HIS B 63 -4.49 -8.83 29.33
C HIS B 63 -4.55 -7.48 28.66
N SER B 64 -5.41 -7.33 27.65
CA SER B 64 -5.54 -6.07 26.94
C SER B 64 -6.39 -5.06 27.73
N ASN B 65 -7.15 -5.55 28.71
CA ASN B 65 -7.97 -4.70 29.59
C ASN B 65 -7.11 -3.61 30.22
N ASP B 66 -7.58 -2.38 30.22
CA ASP B 66 -6.86 -1.28 30.84
C ASP B 66 -5.52 -0.92 30.16
N THR B 67 -5.49 -1.03 28.85
CA THR B 67 -4.31 -0.70 28.07
C THR B 67 -4.25 0.79 27.70
N VAL B 68 -5.09 1.60 28.35
CA VAL B 68 -5.14 3.05 28.12
C VAL B 68 -3.87 3.72 28.66
N HIS B 69 -3.31 3.14 29.72
CA HIS B 69 -2.07 3.60 30.36
C HIS B 69 -0.85 3.49 29.45
N ASP B 70 -0.14 4.62 29.36
CA ASP B 70 1.04 4.77 28.53
C ASP B 70 2.31 4.05 28.93
N ARG B 71 2.55 3.88 30.22
CA ARG B 71 3.82 3.29 30.63
C ARG B 71 3.81 2.16 31.63
N ILE B 72 4.00 0.94 31.14
CA ILE B 72 4.11 -0.25 31.97
C ILE B 72 5.45 -0.84 31.54
N PRO B 73 6.04 -1.76 32.34
CA PRO B 73 7.34 -2.33 31.93
C PRO B 73 7.28 -3.32 30.75
N HIS B 74 6.07 -3.67 30.33
CA HIS B 74 5.90 -4.62 29.26
C HIS B 74 5.90 -4.03 27.85
N ARG B 75 5.93 -2.71 27.74
CA ARG B 75 5.96 -2.07 26.44
C ARG B 75 7.38 -2.19 25.91
N THR B 76 7.46 -2.75 24.71
CA THR B 76 8.70 -3.03 24.00
C THR B 76 8.49 -2.45 22.59
N LEU B 77 9.55 -2.11 21.88
CA LEU B 77 9.44 -1.55 20.53
C LEU B 77 9.36 -2.63 19.41
N LEU B 78 8.21 -2.72 18.73
CA LEU B 78 7.99 -3.69 17.65
C LEU B 78 8.47 -3.15 16.30
N MET B 79 8.91 -4.02 15.41
CA MET B 79 9.41 -3.57 14.11
C MET B 79 9.16 -4.59 12.98
N ASN B 80 8.39 -4.21 11.96
CA ASN B 80 8.09 -5.09 10.81
C ASN B 80 8.24 -4.31 9.49
N GLU B 81 8.37 -4.99 8.36
CA GLU B 81 8.44 -4.31 7.06
C GLU B 81 7.15 -3.54 6.92
N LEU B 82 7.17 -2.44 6.19
CA LEU B 82 5.94 -1.68 6.05
C LEU B 82 4.85 -2.48 5.33
N GLY B 83 3.73 -2.68 6.00
CA GLY B 83 2.64 -3.37 5.37
C GLY B 83 2.28 -4.67 6.05
N VAL B 84 3.14 -5.09 6.95
CA VAL B 84 2.90 -6.31 7.67
C VAL B 84 2.55 -6.03 9.13
N PRO B 85 1.30 -6.35 9.51
CA PRO B 85 0.72 -6.17 10.83
C PRO B 85 1.60 -6.78 11.89
N PHE B 86 1.33 -6.37 13.12
CA PHE B 86 2.09 -6.83 14.25
C PHE B 86 1.50 -8.12 14.77
N HIS B 87 1.87 -9.21 14.12
CA HIS B 87 1.43 -10.55 14.47
C HIS B 87 2.44 -11.21 15.47
N LEU B 88 2.11 -12.39 15.98
CA LEU B 88 2.96 -13.07 16.96
C LEU B 88 4.44 -13.21 16.56
N GLY B 89 4.72 -13.31 15.27
CA GLY B 89 6.10 -13.45 14.85
C GLY B 89 6.86 -12.15 14.75
N THR B 90 6.38 -11.13 15.42
CA THR B 90 7.01 -9.80 15.36
C THR B 90 8.14 -9.69 16.36
N ARG B 91 9.23 -9.06 15.96
CA ARG B 91 10.36 -8.89 16.85
C ARG B 91 10.27 -7.66 17.73
N GLN B 92 10.21 -7.87 19.04
CA GLN B 92 10.19 -6.76 19.97
C GLN B 92 11.68 -6.36 19.99
N VAL B 93 12.08 -5.35 19.22
CA VAL B 93 13.49 -4.98 19.17
C VAL B 93 14.16 -4.47 20.45
N CYS B 94 13.37 -3.99 21.43
CA CYS B 94 13.91 -3.49 22.70
C CYS B 94 12.77 -3.18 23.67
N ILE B 95 13.10 -2.91 24.95
CA ILE B 95 12.09 -2.57 25.98
C ILE B 95 11.93 -1.02 25.97
N ALA B 96 10.70 -0.53 25.81
CA ALA B 96 10.51 0.89 25.73
C ALA B 96 9.09 1.44 25.73
N TRP B 97 8.85 2.49 26.53
CA TRP B 97 7.56 3.16 26.49
C TRP B 97 7.73 4.50 25.80
N SER B 98 8.89 4.68 25.16
CA SER B 98 9.22 5.89 24.43
C SER B 98 10.29 5.45 23.42
N SER B 99 10.39 6.10 22.26
CA SER B 99 11.38 5.68 21.25
C SER B 99 11.66 6.61 20.06
N SER B 100 12.67 6.21 19.29
CA SER B 100 13.12 6.88 18.10
C SER B 100 14.07 5.87 17.45
N SER B 101 14.02 5.75 16.12
CA SER B 101 14.89 4.82 15.42
C SER B 101 15.30 5.48 14.13
N CYS B 102 16.50 5.22 13.69
CA CYS B 102 16.93 5.80 12.45
C CYS B 102 18.09 5.00 11.92
N HIS B 103 18.29 5.06 10.62
CA HIS B 103 19.35 4.32 10.01
C HIS B 103 20.41 5.23 9.41
N ASP B 104 21.60 5.25 9.99
CA ASP B 104 22.66 6.13 9.49
C ASP B 104 23.16 5.83 8.09
N GLY B 105 22.67 4.75 7.50
CA GLY B 105 23.12 4.35 6.18
C GLY B 105 23.92 3.07 6.27
N LYS B 106 24.41 2.76 7.48
CA LYS B 106 25.15 1.55 7.77
C LYS B 106 24.42 0.67 8.78
N ALA B 107 23.68 1.26 9.72
CA ALA B 107 22.93 0.47 10.72
C ALA B 107 21.82 1.24 11.40
N TRP B 108 20.97 0.51 12.12
CA TRP B 108 19.84 1.05 12.84
C TRP B 108 20.14 1.48 14.25
N LEU B 109 19.68 2.65 14.64
CA LEU B 109 19.86 3.15 16.01
C LEU B 109 18.46 3.14 16.59
N HIS B 110 18.31 2.69 17.83
CA HIS B 110 17.01 2.67 18.49
C HIS B 110 17.22 3.23 19.85
N VAL B 111 16.48 4.26 20.25
CA VAL B 111 16.64 4.79 21.58
C VAL B 111 15.37 4.42 22.29
N CYS B 112 15.52 3.55 23.28
CA CYS B 112 14.39 3.01 24.00
C CYS B 112 14.43 3.48 25.44
N ILE B 113 13.26 3.77 26.00
CA ILE B 113 13.15 4.27 27.36
C ILE B 113 12.12 3.53 28.18
N THR B 114 12.55 2.90 29.29
CA THR B 114 11.64 2.22 30.23
C THR B 114 12.17 2.56 31.62
N GLY B 115 11.41 2.26 32.66
CA GLY B 115 11.91 2.53 33.99
C GLY B 115 10.89 3.25 34.82
N ASP B 116 11.31 3.70 35.99
CA ASP B 116 10.41 4.45 36.85
C ASP B 116 10.13 5.74 36.08
N ASP B 117 8.98 6.38 36.34
CA ASP B 117 8.70 7.67 35.67
C ASP B 117 9.65 8.67 36.28
N LYS B 118 9.84 8.52 37.59
CA LYS B 118 10.73 9.38 38.34
C LYS B 118 12.20 9.08 38.09
N ASN B 119 12.52 7.84 37.73
CA ASN B 119 13.89 7.47 37.43
C ASN B 119 13.88 6.41 36.33
N ALA B 120 14.02 6.88 35.11
CA ALA B 120 13.99 6.02 33.93
C ALA B 120 15.35 6.06 33.27
N THR B 121 15.62 5.07 32.42
CA THR B 121 16.89 4.96 31.69
C THR B 121 16.59 4.86 30.20
N ALA B 122 17.50 5.39 29.38
CA ALA B 122 17.38 5.33 27.93
C ALA B 122 18.59 4.59 27.42
N SER B 123 18.35 3.47 26.75
CA SER B 123 19.43 2.66 26.21
C SER B 123 19.64 2.96 24.75
N PHE B 124 20.89 3.08 24.33
CA PHE B 124 21.22 3.37 22.95
C PHE B 124 21.75 2.12 22.27
N ILE B 125 20.83 1.47 21.56
CA ILE B 125 21.10 0.22 20.84
C ILE B 125 21.42 0.50 19.37
N TYR B 126 22.57 0.02 18.92
CA TYR B 126 23.00 0.23 17.55
C TYR B 126 23.67 -1.03 17.04
N ASP B 127 23.29 -1.43 15.83
CA ASP B 127 23.86 -2.58 15.20
C ASP B 127 23.68 -3.88 15.98
N GLY B 128 22.72 -3.89 16.90
CA GLY B 128 22.46 -5.08 17.65
C GLY B 128 22.94 -5.08 19.08
N ARG B 129 24.06 -4.41 19.33
CA ARG B 129 24.59 -4.33 20.69
C ARG B 129 24.15 -3.05 21.38
N LEU B 130 24.19 -3.02 22.71
CA LEU B 130 23.81 -1.84 23.50
C LEU B 130 25.09 -1.08 23.77
N VAL B 131 25.31 -0.02 22.99
CA VAL B 131 26.52 0.82 23.05
C VAL B 131 26.59 1.86 24.20
N ASP B 132 25.45 2.48 24.52
CA ASP B 132 25.40 3.49 25.56
C ASP B 132 24.11 3.47 26.34
N SER B 133 23.99 4.37 27.30
CA SER B 133 22.82 4.44 28.14
C SER B 133 22.87 5.80 28.80
N ILE B 134 21.71 6.31 29.22
CA ILE B 134 21.61 7.60 29.89
C ILE B 134 20.46 7.57 30.88
N GLY B 135 20.53 8.41 31.89
CA GLY B 135 19.47 8.39 32.88
C GLY B 135 18.68 9.67 32.97
N SER B 136 17.52 9.57 33.59
CA SER B 136 16.64 10.71 33.75
C SER B 136 17.39 11.89 34.36
N TRP B 137 17.26 13.07 33.79
CA TRP B 137 17.95 14.27 34.33
C TRP B 137 17.08 15.25 35.09
N SER B 138 15.77 15.07 35.05
CA SER B 138 14.90 15.98 35.75
C SER B 138 13.98 15.14 36.58
N GLN B 139 14.26 13.85 36.66
CA GLN B 139 13.41 12.99 37.48
C GLN B 139 11.91 13.01 37.17
N ASN B 140 11.53 13.47 35.98
CA ASN B 140 10.10 13.47 35.65
C ASN B 140 9.73 13.08 34.20
N ILE B 141 9.70 11.76 34.02
CA ILE B 141 9.38 11.07 32.78
C ILE B 141 10.19 11.50 31.58
N LEU B 142 11.36 10.88 31.44
CA LEU B 142 12.31 11.11 30.34
C LEU B 142 11.55 10.65 29.09
N ARG B 143 11.54 11.48 28.06
CA ARG B 143 10.80 11.20 26.86
C ARG B 143 11.58 11.50 25.60
N THR B 144 11.12 10.93 24.49
CA THR B 144 11.73 11.19 23.20
C THR B 144 10.66 11.26 22.08
N GLN B 145 11.14 11.47 20.86
CA GLN B 145 10.32 11.69 19.68
C GLN B 145 9.08 10.89 19.35
N GLU B 146 9.11 9.58 19.51
CA GLU B 146 7.97 8.77 19.11
C GLU B 146 7.91 8.70 17.56
N SER B 147 9.05 8.97 16.94
CA SER B 147 9.19 8.92 15.50
C SER B 147 10.68 8.89 15.13
N GLU B 148 10.96 8.73 13.84
CA GLU B 148 12.34 8.64 13.38
C GLU B 148 13.22 9.86 13.69
N CYS B 149 14.49 9.56 13.92
CA CYS B 149 15.50 10.56 14.19
C CYS B 149 16.24 10.71 12.84
N VAL B 150 17.27 11.57 12.76
CA VAL B 150 18.02 11.68 11.51
C VAL B 150 19.55 11.77 11.63
N CYS B 151 20.22 11.05 10.74
CA CYS B 151 21.66 10.97 10.74
C CYS B 151 22.28 11.56 9.49
N ILE B 152 23.23 12.47 9.67
CA ILE B 152 23.91 13.06 8.55
C ILE B 152 25.38 12.76 8.69
N ASN B 153 25.87 11.91 7.80
CA ASN B 153 27.26 11.57 7.78
C ASN B 153 27.77 10.80 8.98
N GLY B 154 26.91 10.00 9.59
CA GLY B 154 27.37 9.22 10.72
C GLY B 154 27.04 9.68 12.13
N THR B 155 26.49 10.88 12.26
CA THR B 155 26.11 11.42 13.57
C THR B 155 24.61 11.60 13.59
N CYS B 156 23.92 10.86 14.46
CA CYS B 156 22.47 10.95 14.54
C CYS B 156 22.05 11.89 15.63
N THR B 157 20.93 12.56 15.44
CA THR B 157 20.41 13.49 16.46
C THR B 157 19.03 13.03 16.87
N VAL B 158 18.77 13.03 18.17
CA VAL B 158 17.47 12.69 18.69
C VAL B 158 17.33 13.62 19.87
N VAL B 159 16.17 14.23 20.02
CA VAL B 159 15.91 15.17 21.09
C VAL B 159 15.12 14.46 22.17
N MET B 160 15.20 14.94 23.40
CA MET B 160 14.50 14.28 24.48
C MET B 160 14.07 15.30 25.49
N THR B 161 13.02 14.97 26.24
CA THR B 161 12.50 15.89 27.23
C THR B 161 12.14 15.20 28.54
N ASP B 162 12.56 15.85 29.61
CA ASP B 162 12.29 15.40 30.96
C ASP B 162 11.74 16.65 31.64
N GLY B 163 10.68 16.49 32.42
CA GLY B 163 10.12 17.63 33.10
C GLY B 163 8.60 17.56 33.14
N SER B 164 7.96 18.72 33.29
CA SER B 164 6.51 18.78 33.36
C SER B 164 5.80 18.96 32.00
N ALA B 165 4.74 18.17 31.78
CA ALA B 165 3.96 18.26 30.54
C ALA B 165 3.35 19.63 30.55
N SER B 166 2.33 19.77 31.39
CA SER B 166 1.60 21.02 31.58
C SER B 166 2.46 21.97 32.42
N GLY B 167 3.70 22.21 32.02
CA GLY B 167 4.53 23.10 32.78
C GLY B 167 5.85 23.29 32.09
N ARG B 168 6.80 23.86 32.81
CA ARG B 168 8.13 24.11 32.27
C ARG B 168 8.93 22.77 32.35
N ALA B 169 9.84 22.54 31.38
CA ALA B 169 10.62 21.30 31.32
C ALA B 169 12.03 21.43 30.71
N ASP B 170 12.82 20.36 30.83
CA ASP B 170 14.21 20.34 30.36
C ASP B 170 14.37 19.51 29.10
N THR B 171 14.63 20.20 28.00
CA THR B 171 14.75 19.59 26.70
C THR B 171 16.16 19.63 26.22
N ARG B 172 16.69 18.47 25.80
CA ARG B 172 18.04 18.43 25.30
C ARG B 172 18.15 17.79 23.94
N ILE B 173 19.30 17.99 23.30
CA ILE B 173 19.57 17.49 21.97
C ILE B 173 20.81 16.60 21.96
N LEU B 174 20.58 15.33 21.68
CA LEU B 174 21.64 14.35 21.67
C LEU B 174 22.23 14.11 20.29
N PHE B 175 23.54 14.11 20.22
CA PHE B 175 24.27 13.83 19.00
C PHE B 175 25.00 12.54 19.36
N ILE B 176 24.68 11.46 18.66
CA ILE B 176 25.28 10.17 18.93
C ILE B 176 25.90 9.62 17.67
N GLU B 177 27.07 9.00 17.81
CA GLU B 177 27.73 8.44 16.65
C GLU B 177 27.97 6.99 16.98
N GLU B 178 27.40 6.11 16.14
CA GLU B 178 27.46 4.67 16.32
C GLU B 178 26.95 4.18 17.68
N GLY B 179 25.81 4.69 18.13
CA GLY B 179 25.25 4.28 19.41
C GLY B 179 25.81 4.98 20.64
N LYS B 180 26.96 5.63 20.46
CA LYS B 180 27.64 6.36 21.53
C LYS B 180 27.25 7.84 21.56
N ILE B 181 26.67 8.29 22.67
CA ILE B 181 26.29 9.71 22.82
C ILE B 181 27.56 10.55 22.73
N VAL B 182 27.67 11.42 21.74
CA VAL B 182 28.87 12.24 21.59
C VAL B 182 28.74 13.75 21.83
N HIS B 183 27.61 14.21 22.38
CA HIS B 183 27.39 15.63 22.68
C HIS B 183 25.93 15.84 22.99
N ILE B 184 25.66 16.67 23.98
CA ILE B 184 24.28 16.99 24.33
C ILE B 184 24.13 18.51 24.39
N SER B 185 23.43 19.07 23.41
CA SER B 185 23.18 20.50 23.35
C SER B 185 21.83 20.71 24.00
N PRO B 186 21.67 21.78 24.79
CA PRO B 186 20.36 21.98 25.40
C PRO B 186 19.54 22.90 24.50
N LEU B 187 18.25 23.01 24.79
CA LEU B 187 17.37 23.87 24.00
C LEU B 187 17.69 25.40 24.05
N ALA B 188 17.57 26.02 22.88
CA ALA B 188 17.79 27.45 22.69
C ALA B 188 16.70 28.04 21.75
N GLY B 189 16.61 29.37 21.67
CA GLY B 189 15.61 30.01 20.81
C GLY B 189 14.37 30.33 21.64
N SER B 190 13.29 30.73 20.98
CA SER B 190 12.04 31.11 21.66
C SER B 190 11.03 30.08 22.14
N ALA B 191 11.26 28.79 21.89
CA ALA B 191 10.31 27.73 22.24
C ALA B 191 10.05 27.54 23.74
N GLN B 192 8.79 27.33 24.10
CA GLN B 192 8.38 27.18 25.51
C GLN B 192 8.11 25.75 26.02
N HIS B 193 8.01 24.79 25.11
CA HIS B 193 7.75 23.41 25.50
C HIS B 193 7.92 22.60 24.23
N VAL B 194 8.94 21.77 24.24
CA VAL B 194 9.23 20.92 23.11
C VAL B 194 8.98 19.48 23.52
N GLU B 195 8.00 18.88 22.87
CA GLU B 195 7.67 17.50 23.11
C GLU B 195 7.39 16.84 21.77
N GLU B 196 7.63 15.53 21.69
CA GLU B 196 7.38 14.72 20.51
C GLU B 196 7.79 15.30 19.16
N CYS B 197 9.05 15.67 18.99
CA CYS B 197 9.45 16.25 17.70
C CYS B 197 9.36 15.34 16.48
N SER B 198 8.98 15.97 15.36
CA SER B 198 8.88 15.30 14.07
C SER B 198 10.04 15.93 13.32
N CYS B 199 11.15 15.22 13.22
CA CYS B 199 12.34 15.77 12.58
C CYS B 199 12.62 15.26 11.16
N TYR B 200 13.23 16.10 10.34
CA TYR B 200 13.56 15.72 8.95
C TYR B 200 14.83 16.44 8.56
N PRO B 201 15.65 15.84 7.69
CA PRO B 201 16.86 16.56 7.33
C PRO B 201 16.63 17.69 6.33
N ARG B 202 17.44 18.73 6.45
CA ARG B 202 17.45 19.88 5.56
C ARG B 202 18.93 20.13 5.54
N TYR B 203 19.67 19.31 4.79
CA TYR B 203 21.11 19.43 4.73
C TYR B 203 21.55 20.89 4.69
N PRO B 204 22.58 21.27 5.49
CA PRO B 204 23.36 20.47 6.43
C PRO B 204 22.82 20.37 7.83
N GLY B 205 21.52 20.52 8.00
CA GLY B 205 20.95 20.44 9.34
C GLY B 205 19.75 19.54 9.47
N VAL B 206 19.11 19.63 10.64
CA VAL B 206 17.93 18.83 10.94
C VAL B 206 16.87 19.82 11.46
N ARG B 207 15.63 19.70 10.97
CA ARG B 207 14.54 20.56 11.42
C ARG B 207 13.40 19.73 12.01
N CYS B 208 12.84 20.22 13.11
CA CYS B 208 11.76 19.54 13.82
C CYS B 208 10.58 20.45 14.10
N ILE B 209 9.37 19.90 13.97
CA ILE B 209 8.16 20.64 14.29
C ILE B 209 7.62 19.79 15.45
N CYS B 210 7.64 20.37 16.65
CA CYS B 210 7.29 19.61 17.82
C CYS B 210 5.92 19.86 18.39
N ARG B 211 5.74 19.51 19.66
CA ARG B 211 4.46 19.66 20.38
C ARG B 211 4.59 20.46 21.68
N ASP B 212 3.95 21.64 21.72
CA ASP B 212 3.90 22.48 22.92
C ASP B 212 2.65 22.04 23.69
N ASN B 213 2.91 21.34 24.78
CA ASN B 213 1.88 20.81 25.65
C ASN B 213 1.57 21.76 26.82
N TRP B 214 2.07 22.98 26.73
CA TRP B 214 1.89 23.93 27.79
C TRP B 214 1.09 25.18 27.43
N LYS B 215 1.61 26.01 26.54
CA LYS B 215 0.91 27.24 26.23
C LYS B 215 0.62 27.55 24.77
N GLY B 216 0.92 26.62 23.86
CA GLY B 216 0.70 26.87 22.46
C GLY B 216 -0.03 25.79 21.68
N SER B 217 -0.89 26.25 20.78
CA SER B 217 -1.64 25.39 19.88
C SER B 217 -0.90 25.51 18.55
N ASN B 218 0.02 26.46 18.47
CA ASN B 218 0.85 26.59 17.29
C ASN B 218 2.06 25.70 17.62
N ARG B 219 2.76 25.24 16.59
CA ARG B 219 3.86 24.32 16.78
C ARG B 219 5.27 24.85 16.79
N PRO B 220 6.05 24.45 17.80
CA PRO B 220 7.44 24.90 17.88
C PRO B 220 8.33 24.32 16.78
N VAL B 221 9.45 24.95 16.54
CA VAL B 221 10.39 24.46 15.55
C VAL B 221 11.70 24.27 16.33
N VAL B 222 12.59 23.44 15.83
CA VAL B 222 13.89 23.20 16.48
C VAL B 222 14.90 23.09 15.36
N ASP B 223 15.91 23.94 15.42
CA ASP B 223 16.92 23.91 14.41
C ASP B 223 18.18 23.41 15.04
N ILE B 224 18.71 22.36 14.43
CA ILE B 224 19.92 21.67 14.88
C ILE B 224 21.04 21.84 13.87
N ASN B 225 22.11 22.52 14.26
CA ASN B 225 23.23 22.70 13.35
C ASN B 225 24.10 21.49 13.57
N MET B 226 24.19 20.68 12.53
CA MET B 226 24.97 19.47 12.65
C MET B 226 26.43 19.83 12.67
N GLU B 227 26.80 20.86 11.96
CA GLU B 227 28.20 21.25 11.94
C GLU B 227 28.81 21.62 13.34
N ASP B 228 28.04 22.22 14.24
CA ASP B 228 28.60 22.66 15.51
C ASP B 228 27.76 22.39 16.74
N TYR B 229 26.65 21.68 16.58
CA TYR B 229 25.77 21.38 17.71
C TYR B 229 24.97 22.59 18.24
N SER B 230 25.04 23.74 17.57
CA SER B 230 24.27 24.93 17.97
C SER B 230 22.79 24.61 17.75
N ILE B 231 21.89 25.33 18.42
CA ILE B 231 20.44 25.06 18.32
C ILE B 231 19.62 26.35 18.41
N ASP B 232 18.53 26.42 17.64
CA ASP B 232 17.64 27.57 17.65
C ASP B 232 16.20 27.09 17.67
N SER B 233 15.31 27.82 18.33
CA SER B 233 13.91 27.40 18.34
C SER B 233 13.05 28.58 17.98
N SER B 234 11.85 28.27 17.47
CA SER B 234 10.89 29.27 17.05
C SER B 234 9.53 28.59 17.07
N TYR B 235 8.57 29.18 16.35
CA TYR B 235 7.21 28.62 16.22
C TYR B 235 6.86 28.82 14.75
N VAL B 236 5.81 28.16 14.30
CA VAL B 236 5.40 28.29 12.91
C VAL B 236 4.70 29.63 12.70
N CYS B 237 4.82 30.20 11.51
CA CYS B 237 4.17 31.48 11.24
C CYS B 237 2.68 31.35 10.97
N SER B 238 2.29 30.28 10.27
CA SER B 238 0.89 30.03 9.91
C SER B 238 -0.10 30.31 11.04
N GLY B 239 -1.07 31.18 10.77
CA GLY B 239 -2.10 31.48 11.73
C GLY B 239 -3.06 30.32 11.65
N LEU B 240 -2.85 29.47 10.63
CA LEU B 240 -3.68 28.29 10.45
C LEU B 240 -3.50 27.32 11.61
N VAL B 241 -2.27 27.14 12.05
CA VAL B 241 -2.04 26.38 13.29
C VAL B 241 -2.43 24.89 13.29
N GLY B 242 -1.50 24.05 13.78
CA GLY B 242 -1.78 22.62 13.76
C GLY B 242 -1.75 21.75 14.99
N ASP B 243 -2.42 22.14 16.06
CA ASP B 243 -2.36 21.30 17.23
C ASP B 243 -3.79 21.10 17.59
N THR B 244 -4.08 20.10 18.39
CA THR B 244 -5.44 19.85 18.87
C THR B 244 -5.33 19.65 20.39
N PRO B 245 -6.14 20.41 21.18
CA PRO B 245 -7.12 21.40 20.74
C PRO B 245 -6.48 22.68 20.23
N ARG B 246 -7.26 23.46 19.49
CA ARG B 246 -6.79 24.71 18.97
C ARG B 246 -8.02 25.65 18.98
N ASN B 247 -7.80 26.93 18.66
CA ASN B 247 -8.89 27.91 18.66
C ASN B 247 -9.83 27.71 17.49
N ASP B 248 -9.37 28.08 16.30
CA ASP B 248 -10.15 27.96 15.05
C ASP B 248 -9.71 29.02 14.06
N ASP B 249 -9.35 28.52 12.88
CA ASP B 249 -8.84 29.30 11.76
C ASP B 249 -9.08 30.77 11.76
N ARG B 250 -10.30 31.20 11.98
CA ARG B 250 -10.53 32.63 11.98
C ARG B 250 -9.94 33.32 13.21
N SER B 251 -10.23 32.80 14.40
CA SER B 251 -9.67 33.37 15.63
C SER B 251 -8.40 32.62 16.09
N SER B 252 -7.46 32.42 15.18
CA SER B 252 -6.23 31.70 15.47
C SER B 252 -5.06 32.54 15.08
N ASN B 253 -4.04 32.58 15.94
CA ASN B 253 -2.88 33.40 15.64
C ASN B 253 -1.57 32.69 15.84
N SER B 254 -0.52 33.29 15.31
CA SER B 254 0.83 32.79 15.44
C SER B 254 1.72 33.86 14.87
N ASN B 255 2.72 34.26 15.65
CA ASN B 255 3.67 35.26 15.19
C ASN B 255 5.01 34.63 14.92
N CYS B 256 5.03 33.29 14.95
CA CYS B 256 6.22 32.49 14.74
C CYS B 256 7.23 32.67 15.83
N ARG B 257 6.93 33.53 16.79
CA ARG B 257 7.89 33.86 17.82
C ARG B 257 7.59 33.28 19.19
N ASP B 258 6.33 33.37 19.63
CA ASP B 258 5.97 32.92 20.97
C ASP B 258 4.75 32.05 20.97
N PRO B 259 4.49 31.30 22.06
CA PRO B 259 3.31 30.44 22.12
C PRO B 259 2.09 31.35 22.00
N ASN B 260 1.08 30.90 21.26
CA ASN B 260 -0.11 31.72 21.01
C ASN B 260 -1.04 31.92 22.17
N ASN B 261 -0.86 31.14 23.22
CA ASN B 261 -1.74 31.26 24.38
C ASN B 261 -3.23 31.08 24.02
N GLU B 262 -3.53 30.21 23.05
CA GLU B 262 -4.93 29.93 22.65
C GLU B 262 -5.16 28.41 22.77
N ARG B 263 -5.90 28.00 23.81
CA ARG B 263 -6.15 26.57 24.10
C ARG B 263 -4.81 25.79 24.24
N GLY B 264 -3.75 26.60 24.36
CA GLY B 264 -2.36 26.19 24.43
C GLY B 264 -1.85 24.89 24.97
N THR B 265 -2.19 24.59 26.22
CA THR B 265 -1.71 23.43 26.96
C THR B 265 -1.54 22.12 26.18
N GLN B 266 -2.26 21.07 26.53
CA GLN B 266 -2.15 19.80 25.82
C GLN B 266 -1.97 19.91 24.29
N GLY B 267 -1.86 18.77 23.65
CA GLY B 267 -1.67 18.75 22.22
C GLY B 267 -1.65 17.35 21.68
N VAL B 268 -0.89 17.13 20.63
CA VAL B 268 -0.79 15.81 20.04
C VAL B 268 0.41 15.89 19.12
N LYS B 269 1.10 14.75 18.95
CA LYS B 269 2.26 14.72 18.05
C LYS B 269 1.80 14.99 16.63
N GLY B 270 2.45 15.94 15.96
CA GLY B 270 2.08 16.29 14.60
C GLY B 270 3.32 16.66 13.84
N TRP B 271 3.16 17.13 12.60
CA TRP B 271 4.32 17.47 11.77
C TRP B 271 3.95 18.60 10.85
N ALA B 272 4.94 19.08 10.10
CA ALA B 272 4.80 20.15 9.10
C ALA B 272 6.19 20.27 8.49
N PHE B 273 6.32 20.82 7.29
CA PHE B 273 7.63 21.04 6.68
C PHE B 273 7.57 22.19 5.69
N ASP B 274 8.69 22.89 5.55
CA ASP B 274 8.76 24.05 4.69
C ASP B 274 9.07 23.80 3.21
N ASN B 275 8.66 24.75 2.38
CA ASN B 275 8.96 24.75 0.94
C ASN B 275 8.90 26.24 0.57
N GLY B 276 10.08 26.86 0.56
CA GLY B 276 10.18 28.27 0.28
C GLY B 276 9.62 29.05 1.46
N ASN B 277 8.59 29.83 1.21
CA ASN B 277 7.99 30.60 2.28
C ASN B 277 6.71 29.90 2.68
N ASP B 278 6.55 28.68 2.15
CA ASP B 278 5.36 27.86 2.36
C ASP B 278 5.53 26.71 3.32
N LEU B 279 4.39 26.17 3.71
CA LEU B 279 4.37 25.09 4.67
C LEU B 279 3.37 24.05 4.25
N TRP B 280 3.79 22.80 4.33
CA TRP B 280 2.91 21.66 4.06
C TRP B 280 2.60 21.18 5.46
N MET B 281 1.33 21.01 5.76
CA MET B 281 1.00 20.60 7.11
C MET B 281 -0.28 19.79 7.24
N GLY B 282 -0.35 18.98 8.29
CA GLY B 282 -1.53 18.20 8.51
C GLY B 282 -1.96 18.35 9.96
N ARG B 283 -3.25 18.21 10.21
CA ARG B 283 -3.80 18.27 11.55
C ARG B 283 -5.12 17.50 11.51
N THR B 284 -5.68 17.19 12.66
CA THR B 284 -6.95 16.50 12.68
C THR B 284 -7.93 17.54 12.13
N ILE B 285 -9.09 17.12 11.67
CA ILE B 285 -10.02 18.11 11.16
C ILE B 285 -10.71 18.74 12.40
N SER B 286 -10.81 17.98 13.49
CA SER B 286 -11.44 18.44 14.74
C SER B 286 -10.44 19.18 15.62
N LYS B 287 -10.87 20.27 16.21
CA LYS B 287 -10.02 21.12 17.07
C LYS B 287 -10.19 20.90 18.58
N ASP B 288 -10.98 19.90 18.92
CA ASP B 288 -11.22 19.56 20.30
C ASP B 288 -10.78 18.13 20.48
N LEU B 289 -11.20 17.29 19.54
CA LEU B 289 -10.89 15.87 19.53
C LEU B 289 -9.89 15.54 18.43
N ARG B 290 -9.27 14.37 18.49
CA ARG B 290 -8.32 13.96 17.46
C ARG B 290 -9.18 13.24 16.41
N SER B 291 -10.07 13.94 15.74
CA SER B 291 -10.92 13.29 14.76
C SER B 291 -10.66 13.73 13.33
N GLY B 292 -10.60 12.75 12.42
CA GLY B 292 -10.34 13.05 11.04
C GLY B 292 -8.94 13.60 10.88
N TYR B 293 -8.47 13.74 9.64
CA TYR B 293 -7.15 14.26 9.42
C TYR B 293 -7.18 14.87 8.05
N GLU B 294 -6.61 16.06 7.95
CA GLU B 294 -6.54 16.81 6.72
C GLU B 294 -5.12 17.32 6.58
N THR B 295 -4.75 17.61 5.34
CA THR B 295 -3.45 18.18 4.99
C THR B 295 -3.74 19.29 3.98
N PHE B 296 -2.81 20.21 3.85
CA PHE B 296 -2.92 21.34 2.95
C PHE B 296 -1.66 22.14 3.03
N LYS B 297 -1.43 22.94 2.00
CA LYS B 297 -0.27 23.81 1.96
C LYS B 297 -0.79 25.14 2.47
N VAL B 298 0.11 26.01 2.89
CA VAL B 298 -0.25 27.35 3.39
C VAL B 298 0.75 28.29 2.75
N ILE B 299 0.22 29.10 1.85
CA ILE B 299 1.02 30.06 1.13
C ILE B 299 1.47 31.05 2.19
N GLY B 300 2.78 31.14 2.36
CA GLY B 300 3.31 32.04 3.38
C GLY B 300 3.53 31.39 4.73
N GLY B 301 2.77 30.34 5.03
CA GLY B 301 2.88 29.61 6.28
C GLY B 301 4.24 29.45 6.95
N TRP B 302 5.32 29.44 6.19
CA TRP B 302 6.62 29.31 6.81
C TRP B 302 7.15 30.66 7.30
N SER B 303 7.43 31.56 6.37
CA SER B 303 8.03 32.86 6.63
C SER B 303 7.16 34.07 6.98
N THR B 304 5.86 33.98 6.79
CA THR B 304 5.10 35.16 7.12
C THR B 304 4.10 34.84 8.20
N PRO B 305 4.21 35.57 9.31
CA PRO B 305 3.35 35.43 10.49
C PRO B 305 1.88 35.41 10.19
N ASN B 306 1.16 34.73 11.05
CA ASN B 306 -0.30 34.62 10.95
C ASN B 306 -0.90 34.47 9.56
N SER B 307 -0.19 33.82 8.64
CA SER B 307 -0.72 33.63 7.29
C SER B 307 -1.75 32.52 7.33
N LYS B 308 -2.86 32.74 6.63
CA LYS B 308 -3.93 31.75 6.59
C LYS B 308 -4.43 31.47 5.17
N SER B 309 -3.58 31.67 4.19
CA SER B 309 -3.95 31.41 2.81
C SER B 309 -3.57 29.98 2.44
N GLN B 310 -4.48 29.06 2.69
CA GLN B 310 -4.22 27.68 2.40
C GLN B 310 -4.73 27.17 1.07
N ILE B 311 -3.94 26.31 0.43
CA ILE B 311 -4.30 25.72 -0.86
C ILE B 311 -3.99 24.20 -0.81
N ASN B 312 -4.34 23.46 -1.88
CA ASN B 312 -4.14 21.98 -2.02
C ASN B 312 -4.56 21.09 -0.85
N ARG B 313 -5.64 21.44 -0.17
CA ARG B 313 -6.11 20.67 0.96
C ARG B 313 -6.37 19.26 0.52
N GLN B 314 -6.45 18.32 1.48
CA GLN B 314 -6.70 16.90 1.22
C GLN B 314 -7.19 16.23 2.51
N VAL B 315 -8.27 15.46 2.47
CA VAL B 315 -8.69 14.75 3.68
C VAL B 315 -8.16 13.33 3.56
N ILE B 316 -7.45 12.92 4.59
CA ILE B 316 -6.89 11.60 4.61
C ILE B 316 -7.87 10.69 5.34
N VAL B 317 -8.44 11.21 6.43
CA VAL B 317 -9.44 10.50 7.24
C VAL B 317 -10.63 11.47 7.47
N ASP B 318 -11.84 11.08 7.09
CA ASP B 318 -12.99 11.96 7.29
C ASP B 318 -13.23 12.25 8.76
N SER B 319 -13.75 13.45 9.01
CA SER B 319 -14.05 13.97 10.33
C SER B 319 -14.91 13.07 11.21
N ASP B 320 -15.65 12.16 10.59
CA ASP B 320 -16.49 11.29 11.39
C ASP B 320 -15.72 10.08 11.91
N ASN B 321 -14.39 10.12 11.72
CA ASN B 321 -13.52 9.04 12.15
C ASN B 321 -12.38 9.55 13.01
N ARG B 322 -11.90 8.68 13.89
CA ARG B 322 -10.79 8.96 14.81
C ARG B 322 -9.42 8.86 14.17
N SER B 323 -8.50 9.73 14.59
CA SER B 323 -7.12 9.69 14.11
C SER B 323 -6.15 9.65 15.34
N GLY B 324 -5.20 10.58 15.41
CA GLY B 324 -4.27 10.60 16.53
C GLY B 324 -2.91 11.18 16.17
N TYR B 325 -1.87 10.56 16.69
CA TYR B 325 -0.50 11.00 16.43
C TYR B 325 -0.21 10.97 14.95
N SER B 326 0.86 11.66 14.58
CA SER B 326 1.26 11.77 13.22
C SER B 326 2.65 12.31 13.23
N GLY B 327 3.45 11.81 12.32
CA GLY B 327 4.83 12.22 12.20
C GLY B 327 5.16 12.22 10.72
N ILE B 328 6.41 12.57 10.44
CA ILE B 328 6.90 12.66 9.10
C ILE B 328 8.04 11.63 8.94
N PHE B 329 8.44 11.38 7.71
CA PHE B 329 9.56 10.50 7.39
C PHE B 329 10.06 10.82 5.98
N SER B 330 11.38 10.81 5.85
CA SER B 330 11.99 11.14 4.58
C SER B 330 12.46 9.93 3.82
N VAL B 331 12.49 10.08 2.51
CA VAL B 331 12.87 8.97 1.66
C VAL B 331 13.65 9.50 0.47
N GLU B 332 14.85 8.98 0.31
CA GLU B 332 15.71 9.42 -0.75
C GLU B 332 15.37 8.89 -2.15
N GLY B 333 15.18 9.81 -3.09
CA GLY B 333 14.89 9.43 -4.46
C GLY B 333 16.15 9.42 -5.30
N LYS B 334 16.06 9.24 -6.61
CA LYS B 334 17.25 9.23 -7.46
C LYS B 334 17.67 10.65 -7.71
N SER B 335 16.79 11.60 -7.44
CA SER B 335 17.08 13.02 -7.67
C SER B 335 16.85 13.97 -6.50
N CYS B 336 15.93 13.64 -5.63
CA CYS B 336 15.62 14.50 -4.52
C CYS B 336 15.15 13.71 -3.32
N ILE B 337 15.10 14.35 -2.15
CA ILE B 337 14.64 13.66 -0.96
C ILE B 337 13.23 14.13 -0.66
N ASN B 338 12.32 13.18 -0.80
CA ASN B 338 10.87 13.34 -0.62
C ASN B 338 10.46 13.08 0.82
N ARG B 339 9.45 13.80 1.27
CA ARG B 339 8.94 13.66 2.62
C ARG B 339 7.58 12.96 2.58
N CYS B 340 7.35 12.10 3.56
CA CYS B 340 6.11 11.34 3.68
C CYS B 340 5.63 11.48 5.11
N PHE B 341 4.45 10.96 5.43
CA PHE B 341 3.86 11.02 6.77
C PHE B 341 2.94 9.80 7.05
N TYR B 342 2.79 9.46 8.33
CA TYR B 342 1.96 8.35 8.79
C TYR B 342 0.92 8.95 9.71
N VAL B 343 -0.20 8.26 9.93
CA VAL B 343 -1.24 8.73 10.84
C VAL B 343 -1.69 7.58 11.76
N GLU B 344 -1.69 7.81 13.06
CA GLU B 344 -2.12 6.79 14.02
C GLU B 344 -3.63 6.82 14.13
N LEU B 345 -4.30 5.68 13.96
CA LEU B 345 -5.77 5.63 14.05
C LEU B 345 -6.10 4.84 15.29
N ILE B 346 -6.19 5.56 16.41
CA ILE B 346 -6.44 4.96 17.72
C ILE B 346 -7.91 4.68 17.96
N ARG B 347 -8.17 3.49 18.50
CA ARG B 347 -9.52 3.00 18.78
C ARG B 347 -9.61 2.49 20.20
N GLY B 348 -10.84 2.19 20.58
CA GLY B 348 -11.07 1.67 21.90
C GLY B 348 -11.15 2.73 22.97
N ARG B 349 -10.74 2.31 24.16
CA ARG B 349 -10.79 3.09 25.38
C ARG B 349 -10.51 4.57 25.48
N LYS B 350 -11.24 5.01 26.51
CA LYS B 350 -11.43 6.34 27.00
C LYS B 350 -12.54 6.80 26.09
N GLN B 351 -12.27 7.00 24.81
CA GLN B 351 -13.35 7.45 23.94
C GLN B 351 -14.41 6.38 23.73
N GLU B 352 -14.08 5.30 23.05
CA GLU B 352 -15.01 4.20 22.83
C GLU B 352 -14.84 3.23 24.03
N THR B 353 -15.92 2.98 24.75
CA THR B 353 -15.84 2.15 25.92
C THR B 353 -16.63 0.88 25.91
N ARG B 354 -16.99 0.42 24.72
CA ARG B 354 -17.72 -0.84 24.61
C ARG B 354 -16.73 -1.89 25.01
N VAL B 355 -15.53 -1.69 24.46
CA VAL B 355 -14.39 -2.56 24.67
C VAL B 355 -13.57 -1.92 25.76
N TRP B 356 -12.73 -2.72 26.43
CA TRP B 356 -11.89 -2.24 27.53
C TRP B 356 -10.46 -2.00 27.15
N TRP B 357 -10.10 -2.26 25.89
CA TRP B 357 -8.73 -2.12 25.40
C TRP B 357 -8.51 -0.83 24.60
N THR B 358 -7.27 -0.62 24.13
CA THR B 358 -6.95 0.55 23.31
C THR B 358 -5.83 0.11 22.37
N SER B 359 -5.98 0.38 21.08
CA SER B 359 -4.95 -0.02 20.12
C SER B 359 -5.03 0.96 18.97
N ASN B 360 -4.56 0.55 17.79
CA ASN B 360 -4.60 1.40 16.61
C ASN B 360 -4.12 0.72 15.31
N SER B 361 -4.36 1.37 14.18
CA SER B 361 -3.90 0.92 12.88
C SER B 361 -3.19 2.17 12.34
N ILE B 362 -2.59 2.09 11.17
CA ILE B 362 -1.90 3.24 10.61
C ILE B 362 -2.33 3.43 9.15
N VAL B 363 -1.95 4.55 8.57
CA VAL B 363 -2.23 4.84 7.16
C VAL B 363 -1.04 5.70 6.83
N VAL B 364 -0.44 5.50 5.68
CA VAL B 364 0.67 6.34 5.31
C VAL B 364 0.56 6.81 3.82
N PHE B 365 0.88 8.10 3.62
CA PHE B 365 0.85 8.74 2.32
C PHE B 365 2.20 9.32 2.05
N CYS B 366 2.53 9.47 0.77
CA CYS B 366 3.81 10.06 0.38
C CYS B 366 3.73 11.18 -0.62
N GLY B 367 4.65 12.11 -0.50
CA GLY B 367 4.65 13.23 -1.39
C GLY B 367 4.77 12.86 -2.86
N THR B 368 3.94 13.46 -3.69
CA THR B 368 3.98 13.22 -5.11
C THR B 368 3.91 14.52 -5.86
N SER B 369 4.56 14.54 -7.02
CA SER B 369 4.52 15.69 -7.93
C SER B 369 3.62 15.27 -9.10
N GLY B 370 2.83 14.22 -8.91
CA GLY B 370 1.96 13.77 -9.94
C GLY B 370 0.61 14.37 -9.69
N THR B 371 -0.43 13.59 -9.96
CA THR B 371 -1.82 14.01 -9.80
C THR B 371 -2.46 13.00 -8.83
N TYR B 372 -3.66 13.26 -8.39
CA TYR B 372 -4.31 12.36 -7.46
C TYR B 372 -5.78 12.73 -7.40
N GLY B 373 -6.59 11.94 -6.71
CA GLY B 373 -8.01 12.22 -6.62
C GLY B 373 -8.42 12.68 -5.25
N THR B 374 -9.43 12.00 -4.69
CA THR B 374 -10.00 12.29 -3.38
C THR B 374 -10.37 10.96 -2.69
N GLY B 375 -10.55 10.97 -1.36
CA GLY B 375 -10.91 9.76 -0.63
C GLY B 375 -10.95 9.93 0.88
N SER B 376 -10.87 8.83 1.63
CA SER B 376 -10.88 8.82 3.10
C SER B 376 -10.55 7.39 3.49
N TRP B 377 -9.49 7.20 4.26
CA TRP B 377 -9.04 5.86 4.64
C TRP B 377 -8.90 5.67 6.16
N PRO B 378 -10.01 5.48 6.87
CA PRO B 378 -10.03 5.29 8.32
C PRO B 378 -9.65 3.88 8.79
N ASP B 379 -9.63 3.67 10.10
CA ASP B 379 -9.34 2.36 10.65
C ASP B 379 -10.23 1.29 9.99
N GLY B 380 -11.55 1.50 10.05
CA GLY B 380 -12.48 0.58 9.43
C GLY B 380 -13.13 -0.50 10.27
N ALA B 381 -12.67 -0.73 11.49
CA ALA B 381 -13.23 -1.78 12.35
C ALA B 381 -14.60 -1.43 12.88
N ASN B 382 -15.48 -2.42 13.00
CA ASN B 382 -16.81 -2.17 13.54
C ASN B 382 -16.71 -2.56 15.00
N ILE B 383 -16.62 -1.56 15.88
CA ILE B 383 -16.51 -1.80 17.32
C ILE B 383 -17.50 -2.84 17.87
N ASN B 384 -18.56 -3.14 17.14
CA ASN B 384 -19.49 -4.11 17.68
C ASN B 384 -19.14 -5.52 17.28
N PHE B 385 -18.08 -5.65 16.49
CA PHE B 385 -17.60 -6.95 16.08
C PHE B 385 -16.38 -7.30 16.96
N MET B 386 -15.80 -6.28 17.58
CA MET B 386 -14.58 -6.42 18.35
C MET B 386 -14.73 -7.07 19.69
N PRO B 387 -13.68 -7.83 20.09
CA PRO B 387 -13.64 -8.53 21.37
C PRO B 387 -13.70 -7.53 22.53
N ILE B 388 -14.23 -8.02 23.65
CA ILE B 388 -14.41 -7.33 24.92
C ILE B 388 -15.77 -6.67 24.97
#